data_2GZ4
#
_entry.id   2GZ4
#
_cell.length_a   46.987
_cell.length_b   108.650
_cell.length_c   80.955
_cell.angle_alpha   90.00
_cell.angle_beta   93.74
_cell.angle_gamma   90.00
#
_symmetry.space_group_name_H-M   'P 1 21 1'
#
loop_
_entity.id
_entity.type
_entity.pdbx_description
1 polymer 'Hypothetical protein Atu1052'
2 water water
#
_entity_poly.entity_id   1
_entity_poly.type   'polypeptide(L)'
_entity_poly.pdbx_seq_one_letter_code
;MAPAKSPRAWQRMLSGRRLDLLDPSPLDVEIADIAHGLARVARWNGQTRGDHAFTVAQHCLIVETIFCRMCPGATPDEMQ
MALLHDAPEYVIGDMISPFKSVVGGGYKTVEKRLEAAVHLRFGLPPHASRELKDRIKKADTVAAFFEATELAGFSTAEAQ
KFFGLPRGITRDMFDIIPLPSTEAQRLFIARFEAIETLRVTRTGGAV
;
_entity_poly.pdbx_strand_id   A,B,C,D
#
# COMPACT_ATOMS: atom_id res chain seq x y z
N SER A 6 30.99 -12.05 23.74
CA SER A 6 31.05 -10.65 24.25
C SER A 6 29.72 -9.95 24.01
N PRO A 7 29.21 -9.22 25.03
CA PRO A 7 27.92 -8.56 24.85
C PRO A 7 28.01 -7.37 23.90
N ARG A 8 26.89 -7.06 23.27
CA ARG A 8 26.84 -6.05 22.21
C ARG A 8 26.47 -4.69 22.79
N ALA A 9 27.26 -3.68 22.44
CA ALA A 9 27.14 -2.34 23.02
C ALA A 9 26.56 -1.31 22.06
N TRP A 10 26.33 -1.70 20.81
CA TRP A 10 25.87 -0.78 19.78
C TRP A 10 24.98 -1.46 18.75
N GLN A 11 24.25 -0.64 18.01
CA GLN A 11 23.53 -1.12 16.85
C GLN A 11 24.20 -0.54 15.61
N ARG A 12 24.68 -1.43 14.76
CA ARG A 12 25.20 -1.07 13.45
C ARG A 12 24.01 -0.75 12.54
N MET A 13 24.18 0.24 11.66
CA MET A 13 23.14 0.63 10.70
C MET A 13 23.53 0.14 9.31
N LEU A 14 22.55 -0.04 8.43
CA LEU A 14 22.83 -0.45 7.04
C LEU A 14 23.74 0.55 6.32
N SER A 15 23.67 1.81 6.72
CA SER A 15 24.49 2.88 6.18
C SER A 15 25.95 2.88 6.64
N GLY A 16 26.28 2.00 7.59
CA GLY A 16 27.64 1.87 8.05
C GLY A 16 27.90 2.49 9.40
N ARG A 17 27.11 3.48 9.80
CA ARG A 17 27.33 4.05 11.11
C ARG A 17 26.77 3.14 12.19
N ARG A 18 26.99 3.52 13.43
CA ARG A 18 26.46 2.77 14.56
C ARG A 18 26.13 3.72 15.67
N LEU A 19 25.16 3.31 16.49
CA LEU A 19 24.76 4.08 17.66
C LEU A 19 25.02 3.27 18.91
N ASP A 20 25.67 3.89 19.89
CA ASP A 20 25.92 3.26 21.17
C ASP A 20 24.59 3.16 21.92
N LEU A 21 24.28 1.97 22.44
CA LEU A 21 22.96 1.71 23.01
C LEU A 21 22.70 2.41 24.34
N LEU A 22 23.72 2.49 25.18
CA LEU A 22 23.57 3.06 26.51
C LEU A 22 24.06 4.50 26.61
N ASP A 23 24.94 4.92 25.70
CA ASP A 23 25.39 6.30 25.66
C ASP A 23 25.39 6.82 24.23
N PRO A 24 24.19 6.95 23.65
CA PRO A 24 24.11 7.38 22.27
C PRO A 24 24.61 8.80 22.05
N SER A 25 25.33 9.01 20.95
CA SER A 25 25.75 10.33 20.52
C SER A 25 24.80 10.89 19.46
N PRO A 26 24.41 12.17 19.57
CA PRO A 26 23.61 12.79 18.51
C PRO A 26 24.26 12.70 17.13
N LEU A 27 25.58 12.69 17.08
CA LEU A 27 26.27 12.75 15.80
C LEU A 27 26.27 11.43 15.03
N ASP A 28 25.80 10.36 15.66
CA ASP A 28 25.62 9.07 15.01
C ASP A 28 24.20 8.86 14.47
N VAL A 29 23.31 9.82 14.75
CA VAL A 29 21.90 9.73 14.32
C VAL A 29 21.72 10.31 12.94
N GLU A 30 21.03 9.58 12.06
CA GLU A 30 20.67 10.06 10.74
C GLU A 30 19.26 9.62 10.40
N ILE A 31 18.51 10.51 9.74
CA ILE A 31 17.10 10.25 9.52
C ILE A 31 16.88 9.05 8.57
N ALA A 32 17.81 8.81 7.64
CA ALA A 32 17.64 7.66 6.76
C ALA A 32 17.65 6.34 7.56
N ASP A 33 18.47 6.29 8.59
CA ASP A 33 18.58 5.09 9.43
C ASP A 33 17.29 4.92 10.23
N ILE A 34 16.80 6.03 10.79
CA ILE A 34 15.55 6.04 11.56
C ILE A 34 14.39 5.57 10.67
N ALA A 35 14.25 6.20 9.50
CA ALA A 35 13.12 5.91 8.61
C ALA A 35 13.11 4.45 8.21
N HIS A 36 14.29 3.92 7.89
CA HIS A 36 14.38 2.53 7.45
C HIS A 36 13.86 1.57 8.50
N GLY A 37 14.30 1.78 9.74
CA GLY A 37 13.93 0.93 10.84
C GLY A 37 12.49 1.13 11.25
N LEU A 38 12.06 2.38 11.42
CA LEU A 38 10.66 2.62 11.85
C LEU A 38 9.65 2.06 10.84
N ALA A 39 10.03 2.00 9.58
CA ALA A 39 9.15 1.50 8.52
C ALA A 39 9.06 -0.03 8.50
N ARG A 40 9.81 -0.68 9.39
CA ARG A 40 9.78 -2.13 9.53
C ARG A 40 9.36 -2.62 10.92
N VAL A 41 9.50 -1.77 11.93
CA VAL A 41 9.09 -2.12 13.29
C VAL A 41 7.57 -2.01 13.37
N ALA A 42 6.92 -3.06 13.87
CA ALA A 42 5.47 -3.12 13.97
C ALA A 42 4.96 -2.60 15.32
N ARG A 43 3.76 -2.03 15.30
CA ARG A 43 3.01 -1.75 16.52
C ARG A 43 2.07 -2.90 16.86
N TRP A 44 1.58 -2.88 18.10
CA TRP A 44 0.53 -3.80 18.56
C TRP A 44 1.00 -5.25 18.53
N ASN A 45 2.31 -5.45 18.64
CA ASN A 45 2.91 -6.79 18.54
C ASN A 45 2.48 -7.55 17.29
N GLY A 46 2.23 -6.81 16.21
CA GLY A 46 1.84 -7.43 14.95
C GLY A 46 0.42 -7.97 14.92
N GLN A 47 -0.38 -7.70 15.95
CA GLN A 47 -1.73 -8.27 16.04
C GLN A 47 -2.71 -7.31 15.36
N THR A 48 -2.53 -7.16 14.05
CA THR A 48 -3.25 -6.15 13.29
C THR A 48 -3.81 -6.68 11.99
N ARG A 49 -4.98 -6.18 11.62
CA ARG A 49 -5.61 -6.54 10.37
C ARG A 49 -4.83 -5.92 9.21
N GLY A 50 -4.65 -6.70 8.16
CA GLY A 50 -3.96 -6.24 6.95
C GLY A 50 -2.84 -7.17 6.56
N ASP A 51 -2.54 -7.22 5.27
CA ASP A 51 -1.42 -8.02 4.79
C ASP A 51 -0.07 -7.50 5.27
N HIS A 52 -0.01 -6.21 5.61
CA HIS A 52 1.24 -5.56 6.03
C HIS A 52 1.14 -5.14 7.48
N ALA A 53 2.25 -5.30 8.19
CA ALA A 53 2.33 -4.80 9.56
C ALA A 53 2.05 -3.32 9.58
N PHE A 54 1.45 -2.87 10.68
CA PHE A 54 1.23 -1.44 10.89
C PHE A 54 2.48 -0.90 11.61
N THR A 55 3.27 -0.12 10.89
CA THR A 55 4.62 0.24 11.34
C THR A 55 4.64 1.49 12.23
N VAL A 56 5.71 1.60 12.99
CA VAL A 56 5.91 2.78 13.81
C VAL A 56 6.00 4.03 12.93
N ALA A 57 6.63 3.93 11.76
CA ALA A 57 6.70 5.09 10.85
C ALA A 57 5.30 5.59 10.50
N GLN A 58 4.39 4.67 10.19
CA GLN A 58 3.04 5.09 9.85
C GLN A 58 2.33 5.69 11.06
N HIS A 59 2.56 5.12 12.24
CA HIS A 59 2.03 5.68 13.50
C HIS A 59 2.51 7.12 13.69
N CYS A 60 3.80 7.35 13.49
CA CYS A 60 4.36 8.69 13.64
C CYS A 60 3.67 9.72 12.73
N LEU A 61 3.38 9.30 11.49
CA LEU A 61 2.74 10.18 10.54
C LEU A 61 1.35 10.53 11.01
N ILE A 62 0.60 9.55 11.51
CA ILE A 62 -0.73 9.79 12.04
C ILE A 62 -0.66 10.69 13.26
N VAL A 63 0.28 10.42 14.16
CA VAL A 63 0.43 11.26 15.34
C VAL A 63 0.69 12.72 14.99
N GLU A 64 1.61 12.95 14.07
CA GLU A 64 1.94 14.33 13.71
C GLU A 64 0.74 15.04 13.09
N THR A 65 -0.03 14.33 12.28
CA THR A 65 -1.26 14.91 11.69
C THR A 65 -2.30 15.24 12.78
N ILE A 66 -2.54 14.29 13.68
CA ILE A 66 -3.49 14.51 14.76
C ILE A 66 -3.02 15.67 15.64
N PHE A 67 -1.73 15.68 15.97
CA PHE A 67 -1.13 16.75 16.76
C PHE A 67 -1.43 18.13 16.15
N CYS A 68 -1.19 18.27 14.84
CA CYS A 68 -1.44 19.53 14.16
C CYS A 68 -2.90 19.94 14.25
N ARG A 69 -3.80 18.96 14.13
CA ARG A 69 -5.23 19.24 14.21
C ARG A 69 -5.64 19.66 15.63
N MET A 70 -5.08 19.01 16.64
CA MET A 70 -5.36 19.34 18.04
C MET A 70 -4.68 20.64 18.47
N CYS A 71 -3.62 21.01 17.77
CA CYS A 71 -2.78 22.16 18.14
C CYS A 71 -2.51 23.08 16.94
N PRO A 72 -3.53 23.82 16.49
CA PRO A 72 -3.39 24.67 15.31
C PRO A 72 -2.31 25.76 15.43
N GLY A 73 -1.89 26.08 16.65
CA GLY A 73 -0.83 27.04 16.87
C GLY A 73 0.55 26.41 16.99
N ALA A 74 0.66 25.11 16.72
CA ALA A 74 1.95 24.43 16.80
C ALA A 74 2.98 25.09 15.89
N THR A 75 4.22 25.17 16.37
CA THR A 75 5.33 25.64 15.57
C THR A 75 5.96 24.45 14.81
N PRO A 76 6.73 24.73 13.74
CA PRO A 76 7.42 23.64 13.03
C PRO A 76 8.34 22.78 13.90
N ASP A 77 9.06 23.39 14.85
CA ASP A 77 9.87 22.60 15.78
C ASP A 77 9.00 21.58 16.53
N GLU A 78 7.81 22.02 16.96
CA GLU A 78 6.89 21.15 17.70
C GLU A 78 6.35 20.02 16.80
N MET A 79 6.04 20.35 15.55
CA MET A 79 5.63 19.33 14.58
C MET A 79 6.70 18.25 14.45
N GLN A 80 7.95 18.67 14.34
CA GLN A 80 9.04 17.73 14.18
C GLN A 80 9.21 16.86 15.43
N MET A 81 9.06 17.44 16.62
CA MET A 81 9.13 16.64 17.85
C MET A 81 7.97 15.64 17.91
N ALA A 82 6.82 16.00 17.35
CA ALA A 82 5.69 15.04 17.28
C ALA A 82 6.01 13.87 16.37
N LEU A 83 6.47 14.17 15.16
CA LEU A 83 6.82 13.13 14.20
C LEU A 83 7.92 12.22 14.76
N LEU A 84 8.90 12.83 15.42
CA LEU A 84 10.06 12.09 15.93
C LEU A 84 9.90 11.50 17.33
N HIS A 85 8.73 11.63 17.95
CA HIS A 85 8.59 11.18 19.32
C HIS A 85 8.94 9.69 19.50
N ASP A 86 8.54 8.86 18.54
CA ASP A 86 8.84 7.44 18.61
C ASP A 86 10.12 7.04 17.87
N ALA A 87 10.91 8.01 17.43
CA ALA A 87 12.16 7.70 16.73
C ALA A 87 13.10 6.76 17.49
N PRO A 88 13.21 6.90 18.83
CA PRO A 88 14.08 6.00 19.61
C PRO A 88 13.80 4.52 19.40
N GLU A 89 12.58 4.19 18.97
CA GLU A 89 12.23 2.80 18.68
C GLU A 89 13.09 2.16 17.59
N TYR A 90 13.77 2.98 16.77
CA TYR A 90 14.67 2.39 15.77
C TYR A 90 15.88 1.71 16.39
N VAL A 91 16.13 1.96 17.68
CA VAL A 91 17.19 1.29 18.42
C VAL A 91 16.68 0.49 19.64
N ILE A 92 15.62 0.95 20.29
CA ILE A 92 15.12 0.24 21.47
C ILE A 92 13.95 -0.71 21.15
N GLY A 93 13.34 -0.57 19.97
CA GLY A 93 12.23 -1.43 19.56
C GLY A 93 10.91 -0.91 20.08
N ASP A 94 9.83 -1.65 19.76
CA ASP A 94 8.48 -1.28 20.17
C ASP A 94 8.02 -2.19 21.31
N MET A 95 7.53 -1.57 22.37
CA MET A 95 6.99 -2.32 23.49
C MET A 95 5.65 -1.70 23.82
N ILE A 96 4.62 -2.53 23.96
CA ILE A 96 3.29 -2.01 24.30
C ILE A 96 3.31 -1.33 25.68
N SER A 97 2.44 -0.32 25.83
CA SER A 97 2.43 0.53 27.01
C SER A 97 2.28 -0.21 28.34
N PRO A 98 1.43 -1.27 28.39
CA PRO A 98 1.30 -1.97 29.66
C PRO A 98 2.61 -2.47 30.26
N PHE A 99 3.59 -2.83 29.43
CA PHE A 99 4.85 -3.34 29.95
C PHE A 99 5.83 -2.26 30.38
N LYS A 100 5.48 -0.99 30.18
CA LYS A 100 6.34 0.11 30.62
C LYS A 100 6.44 0.18 32.16
N SER A 101 5.38 -0.23 32.87
CA SER A 101 5.40 -0.30 34.34
C SER A 101 6.03 -1.58 34.89
N VAL A 102 6.49 -2.44 34.00
CA VAL A 102 7.13 -3.70 34.34
C VAL A 102 8.65 -3.67 34.00
N VAL A 103 9.05 -2.74 33.14
CA VAL A 103 10.35 -2.81 32.46
C VAL A 103 11.57 -2.26 33.24
N GLY A 104 11.35 -1.32 34.17
CA GLY A 104 12.44 -0.83 35.02
C GLY A 104 13.05 0.48 34.59
N GLY A 105 13.65 1.18 35.56
CA GLY A 105 14.20 2.53 35.36
C GLY A 105 15.34 2.62 34.37
N GLY A 106 16.11 1.55 34.23
CA GLY A 106 17.22 1.50 33.28
C GLY A 106 16.75 1.67 31.84
N TYR A 107 15.61 1.05 31.52
CA TYR A 107 15.00 1.16 30.20
C TYR A 107 14.55 2.59 29.95
N LYS A 108 13.85 3.16 30.93
CA LYS A 108 13.34 4.53 30.81
C LYS A 108 14.49 5.53 30.61
N THR A 109 15.59 5.31 31.32
CA THR A 109 16.78 6.16 31.16
C THR A 109 17.37 6.09 29.75
N VAL A 110 17.46 4.87 29.20
CA VAL A 110 17.89 4.65 27.81
C VAL A 110 16.98 5.40 26.82
N GLU A 111 15.67 5.25 26.99
CA GLU A 111 14.70 5.96 26.15
C GLU A 111 14.96 7.45 26.14
N LYS A 112 15.15 8.01 27.33
CA LYS A 112 15.32 9.45 27.45
C LYS A 112 16.62 9.91 26.83
N ARG A 113 17.67 9.12 27.00
CA ARG A 113 18.95 9.43 26.35
C ARG A 113 18.84 9.38 24.84
N LEU A 114 18.05 8.44 24.32
CA LEU A 114 17.84 8.35 22.88
C LEU A 114 17.02 9.54 22.36
N GLU A 115 16.02 9.99 23.11
CA GLU A 115 15.26 11.18 22.74
C GLU A 115 16.22 12.34 22.61
N ALA A 116 17.09 12.53 23.59
CA ALA A 116 18.04 13.64 23.53
C ALA A 116 18.96 13.55 22.32
N ALA A 117 19.47 12.35 22.04
CA ALA A 117 20.39 12.17 20.91
C ALA A 117 19.69 12.52 19.60
N VAL A 118 18.47 12.02 19.42
CA VAL A 118 17.71 12.32 18.22
C VAL A 118 17.43 13.81 18.12
N HIS A 119 16.92 14.40 19.19
CA HIS A 119 16.60 15.83 19.16
C HIS A 119 17.82 16.70 18.88
N LEU A 120 18.90 16.46 19.61
CA LEU A 120 20.13 17.24 19.41
C LEU A 120 20.69 17.13 18.00
N ARG A 121 20.57 15.96 17.38
CA ARG A 121 20.99 15.79 15.99
C ARG A 121 20.33 16.81 15.10
N PHE A 122 19.04 17.04 15.33
CA PHE A 122 18.25 17.91 14.46
C PHE A 122 18.04 19.32 15.01
N GLY A 123 18.83 19.71 15.99
CA GLY A 123 18.81 21.08 16.49
C GLY A 123 17.56 21.41 17.27
N LEU A 124 16.98 20.39 17.89
CA LEU A 124 15.78 20.54 18.71
C LEU A 124 16.19 20.52 20.19
N PRO A 125 15.31 21.02 21.08
CA PRO A 125 15.59 20.91 22.52
C PRO A 125 15.78 19.44 22.87
N PRO A 126 16.75 19.12 23.74
CA PRO A 126 17.00 17.70 24.02
C PRO A 126 15.76 16.95 24.47
N HIS A 127 14.92 17.60 25.24
CA HIS A 127 13.63 17.02 25.61
C HIS A 127 12.51 18.02 25.38
N ALA A 128 11.34 17.52 25.03
CA ALA A 128 10.17 18.37 24.90
C ALA A 128 9.83 18.97 26.26
N SER A 129 9.32 20.19 26.23
CA SER A 129 8.82 20.80 27.46
C SER A 129 7.73 19.89 28.02
N ARG A 130 7.51 19.95 29.32
CA ARG A 130 6.44 19.19 29.96
C ARG A 130 5.12 19.41 29.22
N GLU A 131 4.86 20.64 28.82
CA GLU A 131 3.62 20.98 28.17
C GLU A 131 3.52 20.42 26.72
N LEU A 132 4.62 20.48 25.97
CA LEU A 132 4.63 19.89 24.64
C LEU A 132 4.50 18.37 24.72
N LYS A 133 5.21 17.77 25.66
CA LYS A 133 5.12 16.32 25.88
C LYS A 133 3.66 15.89 26.11
N ASP A 134 2.95 16.66 26.93
CA ASP A 134 1.53 16.41 27.19
C ASP A 134 0.69 16.46 25.90
N ARG A 135 0.91 17.49 25.08
CA ARG A 135 0.22 17.60 23.80
C ARG A 135 0.54 16.45 22.84
N ILE A 136 1.81 16.08 22.74
CA ILE A 136 2.18 14.97 21.87
C ILE A 136 1.56 13.68 22.39
N LYS A 137 1.60 13.48 23.70
CA LYS A 137 1.02 12.26 24.29
C LYS A 137 -0.48 12.17 24.00
N LYS A 138 -1.18 13.30 24.10
CA LYS A 138 -2.62 13.29 23.79
C LYS A 138 -2.87 12.87 22.35
N ALA A 139 -2.05 13.35 21.42
CA ALA A 139 -2.16 12.98 20.01
C ALA A 139 -1.86 11.49 19.81
N ASP A 140 -0.85 11.01 20.50
CA ASP A 140 -0.46 9.59 20.43
C ASP A 140 -1.61 8.70 20.89
N THR A 141 -2.28 9.11 21.96
CA THR A 141 -3.38 8.35 22.54
C THR A 141 -4.60 8.30 21.61
N VAL A 142 -4.87 9.41 20.91
CA VAL A 142 -5.94 9.42 19.92
C VAL A 142 -5.57 8.49 18.77
N ALA A 143 -4.32 8.54 18.31
CA ALA A 143 -3.88 7.63 17.26
C ALA A 143 -4.09 6.18 17.71
N ALA A 144 -3.70 5.89 18.95
CA ALA A 144 -3.88 4.56 19.54
C ALA A 144 -5.35 4.13 19.53
N PHE A 145 -6.26 5.06 19.82
CA PHE A 145 -7.69 4.71 19.83
C PHE A 145 -8.11 4.19 18.46
N PHE A 146 -7.75 4.93 17.42
CA PHE A 146 -8.11 4.56 16.05
C PHE A 146 -7.42 3.29 15.59
N GLU A 147 -6.15 3.13 15.93
CA GLU A 147 -5.46 1.89 15.57
C GLU A 147 -6.05 0.70 16.31
N ALA A 148 -6.37 0.90 17.59
CA ALA A 148 -6.86 -0.23 18.41
C ALA A 148 -8.16 -0.78 17.86
N THR A 149 -9.05 0.12 17.45
CA THR A 149 -10.35 -0.28 16.98
C THR A 149 -10.35 -0.74 15.51
N GLU A 150 -9.64 -0.03 14.64
CA GLU A 150 -9.65 -0.35 13.23
C GLU A 150 -8.73 -1.52 12.89
N LEU A 151 -7.63 -1.66 13.62
CA LEU A 151 -6.60 -2.63 13.27
C LEU A 151 -6.41 -3.76 14.25
N ALA A 152 -6.43 -3.45 15.54
CA ALA A 152 -5.89 -4.37 16.54
C ALA A 152 -6.95 -5.17 17.29
N GLY A 153 -8.18 -5.13 16.82
CA GLY A 153 -9.21 -6.03 17.33
C GLY A 153 -9.93 -5.60 18.58
N PHE A 154 -9.67 -4.39 19.07
CA PHE A 154 -10.32 -3.90 20.29
C PHE A 154 -11.72 -3.37 19.96
N SER A 155 -12.65 -3.59 20.88
CA SER A 155 -13.97 -3.00 20.73
C SER A 155 -13.91 -1.52 21.03
N THR A 156 -14.97 -0.80 20.67
CA THR A 156 -15.07 0.61 21.03
C THR A 156 -15.04 0.78 22.55
N ALA A 157 -15.66 -0.14 23.27
CA ALA A 157 -15.67 -0.04 24.73
C ALA A 157 -14.28 -0.22 25.31
N GLU A 158 -13.53 -1.18 24.77
CA GLU A 158 -12.14 -1.39 25.21
C GLU A 158 -11.30 -0.16 24.90
N ALA A 159 -11.37 0.31 23.67
CA ALA A 159 -10.56 1.45 23.27
C ALA A 159 -10.93 2.71 24.07
N GLN A 160 -12.21 2.92 24.33
CA GLN A 160 -12.62 4.05 25.14
C GLN A 160 -12.05 3.96 26.55
N LYS A 161 -12.09 2.75 27.13
CA LYS A 161 -11.56 2.54 28.47
C LYS A 161 -10.06 2.83 28.54
N PHE A 162 -9.31 2.34 27.56
CA PHE A 162 -7.84 2.42 27.63
C PHE A 162 -7.29 3.75 27.13
N PHE A 163 -7.95 4.35 26.15
CA PHE A 163 -7.44 5.55 25.47
C PHE A 163 -8.33 6.79 25.52
N GLY A 164 -9.58 6.62 25.94
CA GLY A 164 -10.54 7.71 25.91
C GLY A 164 -11.15 7.88 24.55
N LEU A 165 -12.31 8.50 24.51
CA LEU A 165 -13.00 8.76 23.26
C LEU A 165 -12.41 10.03 22.65
N PRO A 166 -11.88 9.94 21.42
CA PRO A 166 -11.41 11.17 20.78
C PRO A 166 -12.52 12.22 20.63
N ARG A 167 -12.12 13.48 20.71
CA ARG A 167 -13.02 14.61 20.57
C ARG A 167 -12.57 15.45 19.38
N GLY A 168 -13.38 15.52 18.34
CA GLY A 168 -13.09 16.37 17.20
C GLY A 168 -12.04 15.85 16.22
N ILE A 169 -11.62 14.60 16.41
CA ILE A 169 -10.70 13.93 15.48
C ILE A 169 -11.48 12.78 14.85
N THR A 170 -11.39 12.68 13.54
CA THR A 170 -12.11 11.64 12.79
C THR A 170 -11.15 10.88 11.89
N ARG A 171 -11.57 9.67 11.54
CA ARG A 171 -10.75 8.71 10.82
C ARG A 171 -10.39 9.19 9.41
N ASP A 172 -11.19 10.07 8.83
CA ASP A 172 -10.90 10.61 7.49
C ASP A 172 -9.73 11.58 7.44
N MET A 173 -9.20 11.98 8.61
CA MET A 173 -8.09 12.94 8.67
C MET A 173 -6.72 12.30 8.38
N PHE A 174 -6.65 10.97 8.35
CA PHE A 174 -5.37 10.29 8.20
C PHE A 174 -5.57 8.90 7.61
N ASP A 175 -4.46 8.23 7.37
CA ASP A 175 -4.43 6.95 6.68
C ASP A 175 -4.04 5.83 7.64
N ILE A 176 -5.01 4.96 7.95
CA ILE A 176 -4.84 3.95 8.99
C ILE A 176 -4.55 2.54 8.44
N ILE A 177 -5.01 2.22 7.22
CA ILE A 177 -4.77 0.89 6.65
C ILE A 177 -3.26 0.69 6.50
N PRO A 178 -2.74 -0.45 7.01
CA PRO A 178 -1.28 -0.56 7.05
C PRO A 178 -0.59 -0.51 5.67
N LEU A 179 0.40 0.36 5.57
CA LEU A 179 1.21 0.53 4.37
C LEU A 179 2.39 -0.42 4.38
N PRO A 180 2.81 -0.90 3.19
CA PRO A 180 4.06 -1.64 3.09
C PRO A 180 5.25 -0.81 3.55
N SER A 181 6.30 -1.48 4.01
CA SER A 181 7.49 -0.80 4.52
C SER A 181 8.03 0.26 3.57
N THR A 182 8.16 -0.07 2.29
CA THR A 182 8.78 0.87 1.37
C THR A 182 8.00 2.19 1.27
N GLU A 183 6.68 2.10 1.30
CA GLU A 183 5.83 3.29 1.20
C GLU A 183 5.77 4.06 2.53
N ALA A 184 5.71 3.35 3.67
CA ALA A 184 5.75 4.04 4.96
C ALA A 184 7.07 4.84 5.10
N GLN A 185 8.15 4.22 4.63
CA GLN A 185 9.47 4.86 4.67
C GLN A 185 9.49 6.13 3.82
N ARG A 186 8.99 6.02 2.59
CA ARG A 186 8.97 7.17 1.69
C ARG A 186 8.17 8.31 2.29
N LEU A 187 6.99 8.00 2.84
CA LEU A 187 6.09 9.03 3.37
C LEU A 187 6.67 9.67 4.62
N PHE A 188 7.31 8.85 5.45
CA PHE A 188 7.95 9.36 6.68
C PHE A 188 9.06 10.37 6.34
N ILE A 189 9.93 10.00 5.41
CA ILE A 189 11.02 10.90 4.99
C ILE A 189 10.45 12.18 4.38
N ALA A 190 9.42 12.04 3.55
CA ALA A 190 8.81 13.20 2.91
C ALA A 190 8.28 14.18 3.94
N ARG A 191 7.60 13.67 4.96
CA ARG A 191 7.03 14.55 5.97
C ARG A 191 8.14 15.19 6.82
N PHE A 192 9.17 14.41 7.15
CA PHE A 192 10.30 14.95 7.89
C PHE A 192 10.90 16.12 7.11
N GLU A 193 11.11 15.92 5.81
CA GLU A 193 11.73 16.97 4.99
C GLU A 193 10.82 18.19 4.85
N ALA A 194 9.51 17.96 4.73
CA ALA A 194 8.55 19.08 4.64
C ALA A 194 8.58 19.92 5.91
N ILE A 195 8.63 19.27 7.07
CA ILE A 195 8.71 20.00 8.32
C ILE A 195 10.06 20.73 8.44
N GLU A 196 11.13 20.10 8.00
CA GLU A 196 12.45 20.76 8.01
C GLU A 196 12.40 22.07 7.23
N THR A 197 11.75 22.05 6.08
CA THR A 197 11.54 23.28 5.30
C THR A 197 10.76 24.34 6.08
N LEU A 198 9.69 23.93 6.77
CA LEU A 198 8.93 24.85 7.61
C LEU A 198 9.75 25.44 8.73
N ARG A 199 10.64 24.64 9.29
CA ARG A 199 11.52 25.11 10.36
C ARG A 199 12.44 26.22 9.87
N VAL A 200 12.98 26.06 8.66
CA VAL A 200 13.87 27.08 8.09
C VAL A 200 13.07 28.36 7.81
N THR A 201 11.83 28.20 7.36
CA THR A 201 10.94 29.33 7.12
C THR A 201 10.68 30.12 8.39
N ARG A 202 10.30 29.41 9.46
CA ARG A 202 9.95 30.01 10.74
C ARG A 202 11.15 30.68 11.41
N THR A 203 12.31 30.04 11.34
CA THR A 203 13.51 30.59 11.96
C THR A 203 14.00 31.84 11.21
N GLY A 204 13.82 31.84 9.89
CA GLY A 204 14.30 32.93 9.05
C GLY A 204 15.80 32.85 8.85
N GLY A 205 16.39 33.94 8.38
CA GLY A 205 17.84 33.99 8.15
C GLY A 205 18.64 34.00 9.44
N SER B 6 13.37 -2.71 -11.97
CA SER B 6 13.33 -1.44 -11.19
C SER B 6 11.95 -0.78 -11.28
N PRO B 7 11.49 -0.15 -10.18
CA PRO B 7 10.22 0.59 -10.22
C PRO B 7 10.27 1.76 -11.20
N ARG B 8 9.14 2.05 -11.83
CA ARG B 8 9.07 3.09 -12.85
C ARG B 8 8.74 4.44 -12.21
N ALA B 9 9.58 5.45 -12.50
CA ALA B 9 9.46 6.76 -11.85
C ALA B 9 8.88 7.84 -12.76
N TRP B 10 8.63 7.52 -14.02
CA TRP B 10 8.13 8.50 -14.96
C TRP B 10 7.19 7.90 -15.99
N GLN B 11 6.45 8.78 -16.67
CA GLN B 11 5.68 8.40 -17.84
C GLN B 11 6.35 8.99 -19.09
N ARG B 12 6.80 8.12 -19.98
CA ARG B 12 7.31 8.53 -21.29
C ARG B 12 6.12 8.95 -22.13
N MET B 13 6.29 10.00 -22.94
CA MET B 13 5.24 10.46 -23.87
C MET B 13 5.59 10.03 -25.30
N LEU B 14 4.60 9.94 -26.18
CA LEU B 14 4.85 9.56 -27.58
C LEU B 14 5.76 10.58 -28.26
N SER B 15 5.70 11.82 -27.78
CA SER B 15 6.50 12.92 -28.31
C SER B 15 7.96 12.86 -27.88
N GLY B 16 8.30 11.92 -27.00
CA GLY B 16 9.69 11.73 -26.63
C GLY B 16 10.05 12.24 -25.26
N ARG B 17 9.29 13.21 -24.76
CA ARG B 17 9.54 13.71 -23.42
C ARG B 17 8.97 12.77 -22.35
N ARG B 18 9.28 13.05 -21.10
CA ARG B 18 8.74 12.27 -19.98
C ARG B 18 8.43 13.18 -18.81
N LEU B 19 7.50 12.72 -17.98
CA LEU B 19 7.09 13.45 -16.78
C LEU B 19 7.35 12.57 -15.57
N ASP B 20 8.10 13.10 -14.61
CA ASP B 20 8.36 12.44 -13.35
C ASP B 20 7.03 12.36 -12.58
N LEU B 21 6.67 11.17 -12.14
CA LEU B 21 5.35 10.93 -11.54
C LEU B 21 5.14 11.60 -10.19
N LEU B 22 6.15 11.52 -9.32
CA LEU B 22 6.06 12.07 -7.97
C LEU B 22 6.61 13.49 -7.85
N ASP B 23 7.43 13.91 -8.81
CA ASP B 23 8.06 15.24 -8.79
C ASP B 23 7.99 15.88 -10.18
N PRO B 24 6.76 16.06 -10.70
CA PRO B 24 6.59 16.57 -12.07
C PRO B 24 7.11 17.98 -12.26
N SER B 25 7.77 18.21 -13.38
CA SER B 25 8.23 19.54 -13.78
C SER B 25 7.28 20.13 -14.79
N PRO B 26 6.91 21.41 -14.61
CA PRO B 26 6.09 22.08 -15.62
C PRO B 26 6.73 22.07 -17.00
N LEU B 27 8.05 22.07 -17.07
CA LEU B 27 8.73 22.16 -18.36
C LEU B 27 8.62 20.88 -19.20
N ASP B 28 8.14 19.79 -18.59
CA ASP B 28 7.93 18.52 -19.31
C ASP B 28 6.48 18.33 -19.77
N VAL B 29 5.63 19.32 -19.49
CA VAL B 29 4.21 19.25 -19.86
C VAL B 29 3.97 19.90 -21.21
N GLU B 30 3.28 19.20 -22.10
CA GLU B 30 2.88 19.76 -23.39
C GLU B 30 1.43 19.39 -23.71
N ILE B 31 0.70 20.33 -24.28
CA ILE B 31 -0.73 20.12 -24.53
C ILE B 31 -0.96 18.96 -25.52
N ALA B 32 -0.08 18.76 -26.50
CA ALA B 32 -0.27 17.63 -27.41
C ALA B 32 -0.27 16.28 -26.67
N ASP B 33 0.59 16.15 -25.65
CA ASP B 33 0.68 14.91 -24.86
C ASP B 33 -0.61 14.74 -24.04
N ILE B 34 -1.07 15.84 -23.44
CA ILE B 34 -2.28 15.83 -22.63
C ILE B 34 -3.47 15.43 -23.50
N ALA B 35 -3.62 16.12 -24.64
CA ALA B 35 -4.78 15.87 -25.52
C ALA B 35 -4.82 14.42 -26.01
N HIS B 36 -3.67 13.90 -26.36
CA HIS B 36 -3.59 12.54 -26.88
C HIS B 36 -4.11 11.57 -25.83
N GLY B 37 -3.64 11.71 -24.61
CA GLY B 37 -4.00 10.80 -23.54
C GLY B 37 -5.43 10.99 -23.11
N LEU B 38 -5.86 12.24 -22.90
CA LEU B 38 -7.24 12.48 -22.45
C LEU B 38 -8.27 12.00 -23.46
N ALA B 39 -7.91 12.00 -24.74
CA ALA B 39 -8.79 11.56 -25.82
C ALA B 39 -8.90 10.03 -25.89
N ARG B 40 -8.17 9.35 -25.02
CA ARG B 40 -8.19 7.88 -24.95
C ARG B 40 -8.58 7.33 -23.58
N VAL B 41 -8.46 8.14 -22.53
CA VAL B 41 -8.86 7.73 -21.17
C VAL B 41 -10.37 7.88 -21.03
N ALA B 42 -11.04 6.83 -20.57
CA ALA B 42 -12.49 6.81 -20.46
C ALA B 42 -12.96 7.29 -19.10
N ARG B 43 -14.15 7.88 -19.09
CA ARG B 43 -14.89 8.15 -17.87
C ARG B 43 -15.81 6.97 -17.55
N TRP B 44 -16.30 6.94 -16.32
CA TRP B 44 -17.36 6.01 -15.90
C TRP B 44 -16.93 4.55 -15.95
N ASN B 45 -15.60 4.32 -15.88
CA ASN B 45 -15.06 2.97 -16.02
C ASN B 45 -15.52 2.28 -17.32
N GLY B 46 -15.77 3.07 -18.35
CA GLY B 46 -16.20 2.51 -19.62
C GLY B 46 -17.62 1.98 -19.63
N GLN B 47 -18.39 2.23 -18.56
CA GLN B 47 -19.73 1.65 -18.46
C GLN B 47 -20.71 2.64 -19.09
N THR B 48 -20.56 2.87 -20.38
CA THR B 48 -21.28 3.92 -21.09
C THR B 48 -21.88 3.45 -22.39
N ARG B 49 -23.07 3.98 -22.70
CA ARG B 49 -23.73 3.70 -23.97
C ARG B 49 -22.95 4.35 -25.11
N GLY B 50 -22.79 3.62 -26.21
CA GLY B 50 -22.10 4.17 -27.38
C GLY B 50 -21.02 3.23 -27.85
N ASP B 51 -20.76 3.24 -29.15
CA ASP B 51 -19.70 2.41 -29.71
C ASP B 51 -18.32 2.85 -29.28
N HIS B 52 -18.17 4.13 -28.91
CA HIS B 52 -16.89 4.66 -28.47
C HIS B 52 -16.96 5.03 -27.00
N ALA B 53 -15.84 4.86 -26.32
CA ALA B 53 -15.73 5.30 -24.93
C ALA B 53 -16.00 6.80 -24.85
N PHE B 54 -16.57 7.25 -23.73
CA PHE B 54 -16.74 8.67 -23.47
C PHE B 54 -15.52 9.15 -22.72
N THR B 55 -14.69 9.95 -23.39
CA THR B 55 -13.36 10.23 -22.92
C THR B 55 -13.29 11.44 -22.00
N VAL B 56 -12.20 11.51 -21.25
CA VAL B 56 -11.95 12.65 -20.39
C VAL B 56 -11.84 13.92 -21.23
N ALA B 57 -11.24 13.83 -22.41
CA ALA B 57 -11.15 15.01 -23.29
C ALA B 57 -12.54 15.58 -23.58
N GLN B 58 -13.48 14.72 -23.93
CA GLN B 58 -14.84 15.18 -24.23
C GLN B 58 -15.51 15.75 -22.98
N HIS B 59 -15.29 15.11 -21.83
CA HIS B 59 -15.80 15.62 -20.56
C HIS B 59 -15.29 17.04 -20.31
N CYS B 60 -13.99 17.24 -20.50
CA CYS B 60 -13.39 18.57 -20.30
C CYS B 60 -14.05 19.62 -21.19
N LEU B 61 -14.36 19.25 -22.42
CA LEU B 61 -15.00 20.17 -23.37
C LEU B 61 -16.38 20.56 -22.84
N ILE B 62 -17.12 19.59 -22.33
CA ILE B 62 -18.47 19.85 -21.87
C ILE B 62 -18.41 20.71 -20.60
N VAL B 63 -17.45 20.39 -19.73
CA VAL B 63 -17.30 21.14 -18.48
C VAL B 63 -17.00 22.61 -18.76
N GLU B 64 -16.10 22.86 -19.71
CA GLU B 64 -15.73 24.24 -20.01
C GLU B 64 -16.92 24.98 -20.63
N THR B 65 -17.69 24.29 -21.47
CA THR B 65 -18.90 24.89 -22.07
C THR B 65 -19.92 25.23 -20.99
N ILE B 66 -20.19 24.28 -20.10
CA ILE B 66 -21.11 24.53 -19.00
C ILE B 66 -20.61 25.64 -18.09
N PHE B 67 -19.32 25.60 -17.76
CA PHE B 67 -18.72 26.64 -16.94
C PHE B 67 -18.96 28.03 -17.52
N CYS B 68 -18.77 28.17 -18.83
CA CYS B 68 -18.99 29.44 -19.50
C CYS B 68 -20.45 29.89 -19.42
N ARG B 69 -21.37 28.95 -19.54
CA ARG B 69 -22.79 29.28 -19.42
C ARG B 69 -23.16 29.72 -18.01
N MET B 70 -22.61 29.02 -17.02
CA MET B 70 -22.86 29.35 -15.62
C MET B 70 -22.19 30.67 -15.23
N CYS B 71 -21.07 30.99 -15.87
CA CYS B 71 -20.21 32.12 -15.50
C CYS B 71 -19.89 32.98 -16.73
N PRO B 72 -20.91 33.71 -17.23
CA PRO B 72 -20.71 34.52 -18.43
C PRO B 72 -19.62 35.59 -18.35
N GLY B 73 -19.27 36.02 -17.13
CA GLY B 73 -18.19 36.96 -16.94
C GLY B 73 -16.82 36.32 -16.73
N ALA B 74 -16.71 35.01 -16.92
CA ALA B 74 -15.42 34.33 -16.76
C ALA B 74 -14.35 34.93 -17.64
N THR B 75 -13.14 35.00 -17.10
CA THR B 75 -11.98 35.46 -17.87
C THR B 75 -11.40 34.27 -18.64
N PRO B 76 -10.58 34.55 -19.67
CA PRO B 76 -9.92 33.47 -20.39
C PRO B 76 -9.05 32.55 -19.53
N ASP B 77 -8.34 33.11 -18.55
CA ASP B 77 -7.56 32.25 -17.65
C ASP B 77 -8.47 31.26 -16.92
N GLU B 78 -9.65 31.74 -16.49
CA GLU B 78 -10.60 30.88 -15.80
C GLU B 78 -11.15 29.79 -16.73
N MET B 79 -11.50 30.15 -17.96
CA MET B 79 -11.92 29.16 -18.96
C MET B 79 -10.86 28.08 -19.12
N GLN B 80 -9.59 28.49 -19.21
CA GLN B 80 -8.53 27.52 -19.42
C GLN B 80 -8.37 26.62 -18.20
N MET B 81 -8.50 27.17 -16.99
CA MET B 81 -8.44 26.33 -15.80
C MET B 81 -9.62 25.33 -15.76
N ALA B 82 -10.78 25.71 -16.27
CA ALA B 82 -11.92 24.80 -16.39
C ALA B 82 -11.64 23.66 -17.38
N LEU B 83 -11.12 24.01 -18.57
CA LEU B 83 -10.80 23.00 -19.59
C LEU B 83 -9.74 22.04 -19.07
N LEU B 84 -8.74 22.58 -18.37
CA LEU B 84 -7.60 21.79 -17.91
C LEU B 84 -7.76 21.16 -16.52
N HIS B 85 -8.94 21.30 -15.91
CA HIS B 85 -9.09 20.81 -14.56
C HIS B 85 -8.77 19.32 -14.44
N ASP B 86 -9.21 18.52 -15.42
CA ASP B 86 -8.91 17.07 -15.39
C ASP B 86 -7.63 16.68 -16.16
N ALA B 87 -6.85 17.65 -16.59
CA ALA B 87 -5.60 17.39 -17.33
C ALA B 87 -4.69 16.40 -16.62
N PRO B 88 -4.53 16.51 -15.29
CA PRO B 88 -3.65 15.54 -14.63
C PRO B 88 -3.95 14.06 -14.86
N GLU B 89 -5.18 13.75 -15.26
CA GLU B 89 -5.56 12.38 -15.59
C GLU B 89 -4.72 11.80 -16.72
N TYR B 90 -4.03 12.63 -17.49
CA TYR B 90 -3.17 12.09 -18.55
C TYR B 90 -1.95 11.34 -17.99
N VAL B 91 -1.68 11.53 -16.69
CA VAL B 91 -0.62 10.80 -16.01
C VAL B 91 -1.13 9.98 -14.82
N ILE B 92 -2.17 10.45 -14.14
CA ILE B 92 -2.67 9.71 -12.97
C ILE B 92 -3.83 8.74 -13.30
N GLY B 93 -4.48 8.94 -14.45
CA GLY B 93 -5.60 8.09 -14.85
C GLY B 93 -6.92 8.62 -14.32
N ASP B 94 -8.01 7.93 -14.65
CA ASP B 94 -9.37 8.32 -14.23
C ASP B 94 -9.92 7.39 -13.16
N MET B 95 -10.51 7.98 -12.13
CA MET B 95 -11.24 7.23 -11.10
C MET B 95 -12.63 7.81 -10.94
N ILE B 96 -13.61 6.94 -10.70
CA ILE B 96 -14.98 7.39 -10.46
C ILE B 96 -15.09 8.06 -9.09
N SER B 97 -16.10 8.92 -8.94
CA SER B 97 -16.26 9.75 -7.72
C SER B 97 -16.22 8.98 -6.39
N PRO B 98 -16.91 7.82 -6.29
CA PRO B 98 -16.86 7.08 -5.02
C PRO B 98 -15.46 6.78 -4.42
N PHE B 99 -14.43 6.61 -5.25
CA PHE B 99 -13.14 6.17 -4.72
C PHE B 99 -12.24 7.25 -4.12
N LYS B 100 -12.68 8.51 -4.13
CA LYS B 100 -11.84 9.57 -3.62
C LYS B 100 -11.98 9.65 -2.09
N SER B 101 -12.97 8.97 -1.53
CA SER B 101 -13.02 8.69 -0.09
C SER B 101 -12.26 7.39 0.23
N VAL B 102 -11.96 6.60 -0.81
CA VAL B 102 -11.28 5.33 -0.63
C VAL B 102 -9.77 5.47 -0.74
N VAL B 103 -9.29 6.32 -1.65
CA VAL B 103 -7.86 6.54 -1.81
C VAL B 103 -7.25 7.19 -0.58
N GLY B 104 -5.94 7.02 -0.46
CA GLY B 104 -5.18 7.57 0.65
C GLY B 104 -4.61 8.93 0.35
N GLY B 105 -3.97 9.52 1.36
CA GLY B 105 -3.39 10.85 1.21
C GLY B 105 -2.27 10.90 0.18
N GLY B 106 -1.59 9.75 -0.01
CA GLY B 106 -0.53 9.63 -0.99
C GLY B 106 -0.98 9.97 -2.40
N TYR B 107 -2.17 9.52 -2.75
CA TYR B 107 -2.77 9.82 -4.06
C TYR B 107 -3.08 11.30 -4.20
N LYS B 108 -3.65 11.87 -3.15
CA LYS B 108 -4.11 13.24 -3.19
C LYS B 108 -2.94 14.23 -3.35
N THR B 109 -1.81 13.91 -2.73
CA THR B 109 -0.60 14.71 -2.88
C THR B 109 -0.16 14.76 -4.34
N VAL B 110 -0.25 13.62 -5.02
CA VAL B 110 0.15 13.51 -6.42
C VAL B 110 -0.75 14.35 -7.30
N GLU B 111 -2.06 14.22 -7.11
CA GLU B 111 -3.03 15.03 -7.85
C GLU B 111 -2.69 16.52 -7.82
N LYS B 112 -2.38 17.03 -6.62
CA LYS B 112 -2.15 18.46 -6.46
C LYS B 112 -0.85 18.89 -7.13
N ARG B 113 0.18 18.05 -7.05
CA ARG B 113 1.45 18.38 -7.71
C ARG B 113 1.29 18.41 -9.23
N LEU B 114 0.49 17.49 -9.77
CA LEU B 114 0.25 17.47 -11.21
C LEU B 114 -0.55 18.69 -11.69
N GLU B 115 -1.51 19.13 -10.90
CA GLU B 115 -2.22 20.37 -11.22
C GLU B 115 -1.26 21.55 -11.32
N ALA B 116 -0.37 21.69 -10.34
CA ALA B 116 0.58 22.78 -10.37
C ALA B 116 1.49 22.70 -11.59
N ALA B 117 1.95 21.49 -11.93
CA ALA B 117 2.84 21.35 -13.08
C ALA B 117 2.14 21.79 -14.37
N VAL B 118 0.91 21.33 -14.55
CA VAL B 118 0.15 21.71 -15.73
C VAL B 118 -0.12 23.21 -15.76
N HIS B 119 -0.60 23.75 -14.65
CA HIS B 119 -0.90 25.17 -14.61
C HIS B 119 0.33 26.04 -14.87
N LEU B 120 1.43 25.72 -14.20
CA LEU B 120 2.66 26.49 -14.36
C LEU B 120 3.17 26.45 -15.79
N ARG B 121 3.05 25.31 -16.44
CA ARG B 121 3.45 25.20 -17.85
C ARG B 121 2.77 26.28 -18.70
N PHE B 122 1.48 26.52 -18.46
CA PHE B 122 0.71 27.45 -19.28
C PHE B 122 0.54 28.83 -18.64
N GLY B 123 1.38 29.15 -17.66
CA GLY B 123 1.38 30.49 -17.08
C GLY B 123 0.12 30.83 -16.31
N LEU B 124 -0.50 29.81 -15.74
CA LEU B 124 -1.68 29.98 -14.89
C LEU B 124 -1.24 29.87 -13.43
N PRO B 125 -2.06 30.38 -12.49
CA PRO B 125 -1.74 30.17 -11.08
C PRO B 125 -1.58 28.68 -10.77
N PRO B 126 -0.59 28.30 -9.95
CA PRO B 126 -0.36 26.87 -9.72
C PRO B 126 -1.61 26.10 -9.33
N HIS B 127 -2.48 26.73 -8.54
CA HIS B 127 -3.77 26.14 -8.20
C HIS B 127 -4.86 27.19 -8.40
N ALA B 128 -6.02 26.75 -8.87
CA ALA B 128 -7.18 27.61 -8.92
C ALA B 128 -7.46 28.08 -7.50
N SER B 129 -7.98 29.29 -7.37
CA SER B 129 -8.44 29.77 -6.07
C SER B 129 -9.54 28.86 -5.57
N ARG B 130 -9.74 28.87 -4.26
CA ARG B 130 -10.82 28.10 -3.66
C ARG B 130 -12.16 28.38 -4.32
N GLU B 131 -12.45 29.66 -4.51
CA GLU B 131 -13.71 30.11 -5.10
C GLU B 131 -13.88 29.63 -6.55
N LEU B 132 -12.82 29.76 -7.35
CA LEU B 132 -12.87 29.29 -8.74
C LEU B 132 -13.02 27.78 -8.78
N LYS B 133 -12.28 27.08 -7.92
CA LYS B 133 -12.42 25.63 -7.78
C LYS B 133 -13.88 25.26 -7.54
N ASP B 134 -14.56 26.00 -6.67
CA ASP B 134 -15.97 25.74 -6.41
C ASP B 134 -16.81 25.87 -7.67
N ARG B 135 -16.58 26.91 -8.47
CA ARG B 135 -17.36 27.13 -9.69
C ARG B 135 -17.05 26.08 -10.75
N ILE B 136 -15.79 25.70 -10.87
CA ILE B 136 -15.44 24.65 -11.83
C ILE B 136 -16.08 23.32 -11.39
N LYS B 137 -16.03 23.05 -10.08
CA LYS B 137 -16.63 21.82 -9.57
C LYS B 137 -18.14 21.79 -9.83
N LYS B 138 -18.81 22.94 -9.70
CA LYS B 138 -20.23 23.01 -10.02
C LYS B 138 -20.49 22.61 -11.48
N ALA B 139 -19.67 23.12 -12.38
CA ALA B 139 -19.79 22.80 -13.81
C ALA B 139 -19.52 21.32 -14.07
N ASP B 140 -18.49 20.79 -13.41
CA ASP B 140 -18.14 19.38 -13.53
C ASP B 140 -19.31 18.49 -13.09
N THR B 141 -19.97 18.91 -12.01
CA THR B 141 -21.07 18.12 -11.44
C THR B 141 -22.29 18.12 -12.33
N VAL B 142 -22.55 19.24 -13.02
CA VAL B 142 -23.63 19.31 -14.00
C VAL B 142 -23.30 18.40 -15.19
N ALA B 143 -22.05 18.44 -15.67
CA ALA B 143 -21.64 17.54 -16.75
C ALA B 143 -21.87 16.09 -16.32
N ALA B 144 -21.45 15.76 -15.10
CA ALA B 144 -21.62 14.41 -14.58
C ALA B 144 -23.10 13.99 -14.56
N PHE B 145 -23.98 14.91 -14.17
CA PHE B 145 -25.40 14.59 -14.13
C PHE B 145 -25.88 14.14 -15.50
N PHE B 146 -25.55 14.92 -16.52
CA PHE B 146 -25.97 14.59 -17.89
C PHE B 146 -25.30 13.34 -18.43
N GLU B 147 -24.01 13.14 -18.14
CA GLU B 147 -23.34 11.92 -18.56
C GLU B 147 -23.95 10.70 -17.88
N ALA B 148 -24.22 10.83 -16.59
CA ALA B 148 -24.74 9.74 -15.78
C ALA B 148 -26.05 9.20 -16.33
N THR B 149 -26.94 10.12 -16.67
CA THR B 149 -28.27 9.76 -17.13
C THR B 149 -28.30 9.36 -18.61
N GLU B 150 -27.60 10.12 -19.46
CA GLU B 150 -27.58 9.84 -20.89
C GLU B 150 -26.68 8.68 -21.31
N LEU B 151 -25.57 8.49 -20.60
CA LEU B 151 -24.58 7.49 -20.99
C LEU B 151 -24.36 6.34 -20.03
N ALA B 152 -24.36 6.63 -18.73
CA ALA B 152 -23.83 5.66 -17.76
C ALA B 152 -24.86 4.85 -17.00
N GLY B 153 -26.11 4.89 -17.46
CA GLY B 153 -27.14 4.00 -16.94
C GLY B 153 -27.80 4.39 -15.64
N PHE B 154 -27.56 5.61 -15.18
CA PHE B 154 -28.19 6.09 -13.94
C PHE B 154 -29.62 6.52 -14.22
N SER B 155 -30.53 6.25 -13.29
CA SER B 155 -31.87 6.84 -13.35
C SER B 155 -31.79 8.32 -13.00
N THR B 156 -32.86 9.04 -13.33
CA THR B 156 -33.02 10.43 -12.90
C THR B 156 -32.86 10.57 -11.36
N ALA B 157 -33.41 9.61 -10.62
CA ALA B 157 -33.33 9.64 -9.16
C ALA B 157 -31.90 9.44 -8.66
N GLU B 158 -31.19 8.49 -9.26
CA GLU B 158 -29.78 8.25 -8.90
C GLU B 158 -28.92 9.45 -9.22
N ALA B 159 -29.10 10.02 -10.40
CA ALA B 159 -28.29 11.15 -10.82
C ALA B 159 -28.57 12.35 -9.93
N GLN B 160 -29.85 12.56 -9.60
CA GLN B 160 -30.21 13.66 -8.70
C GLN B 160 -29.57 13.50 -7.32
N LYS B 161 -29.60 12.29 -6.79
CA LYS B 161 -29.03 12.05 -5.46
C LYS B 161 -27.52 12.31 -5.44
N PHE B 162 -26.81 11.87 -6.47
CA PHE B 162 -25.35 11.93 -6.47
C PHE B 162 -24.79 13.25 -6.99
N PHE B 163 -25.48 13.90 -7.92
CA PHE B 163 -24.94 15.08 -8.59
C PHE B 163 -25.82 16.32 -8.43
N GLY B 164 -27.03 16.15 -7.92
CA GLY B 164 -27.97 17.27 -7.84
C GLY B 164 -28.61 17.52 -9.18
N LEU B 165 -29.77 18.19 -9.16
CA LEU B 165 -30.50 18.50 -10.36
C LEU B 165 -29.96 19.82 -10.93
N PRO B 166 -29.48 19.82 -12.19
CA PRO B 166 -28.99 21.06 -12.79
C PRO B 166 -30.07 22.13 -12.92
N ARG B 167 -29.65 23.39 -12.81
CA ARG B 167 -30.54 24.53 -13.00
C ARG B 167 -30.12 25.32 -14.24
N GLY B 168 -31.01 25.39 -15.23
CA GLY B 168 -30.81 26.25 -16.39
C GLY B 168 -29.88 25.74 -17.46
N ILE B 169 -29.27 24.57 -17.24
CA ILE B 169 -28.42 23.94 -18.25
C ILE B 169 -29.23 22.83 -18.91
N THR B 170 -29.11 22.72 -20.24
CA THR B 170 -29.85 21.74 -21.03
C THR B 170 -28.91 20.98 -21.97
N ARG B 171 -29.39 19.85 -22.50
CA ARG B 171 -28.54 18.95 -23.28
C ARG B 171 -28.20 19.47 -24.68
N ASP B 172 -29.04 20.38 -25.20
CA ASP B 172 -28.79 21.02 -26.50
C ASP B 172 -27.52 21.87 -26.52
N MET B 173 -26.95 22.15 -25.36
CA MET B 173 -25.78 23.04 -25.27
C MET B 173 -24.46 22.37 -25.64
N PHE B 174 -24.43 21.04 -25.67
CA PHE B 174 -23.20 20.31 -25.93
C PHE B 174 -23.51 18.93 -26.53
N ASP B 175 -22.49 18.34 -27.15
CA ASP B 175 -22.63 17.00 -27.72
C ASP B 175 -22.14 15.98 -26.69
N ILE B 176 -23.06 15.15 -26.20
CA ILE B 176 -22.74 14.15 -25.20
C ILE B 176 -22.53 12.76 -25.81
N ILE B 177 -22.93 12.56 -27.07
CA ILE B 177 -22.72 11.28 -27.71
C ILE B 177 -21.21 11.03 -27.77
N PRO B 178 -20.73 9.86 -27.30
CA PRO B 178 -19.27 9.71 -27.23
C PRO B 178 -18.55 9.83 -28.58
N LEU B 179 -17.55 10.71 -28.61
CA LEU B 179 -16.71 10.92 -29.78
C LEU B 179 -15.59 9.89 -29.86
N PRO B 180 -15.22 9.48 -31.08
CA PRO B 180 -13.99 8.71 -31.25
C PRO B 180 -12.77 9.50 -30.77
N SER B 181 -11.75 8.81 -30.31
CA SER B 181 -10.54 9.45 -29.81
C SER B 181 -9.97 10.52 -30.75
N THR B 182 -9.90 10.22 -32.04
CA THR B 182 -9.28 11.17 -32.98
C THR B 182 -10.01 12.50 -32.99
N GLU B 183 -11.33 12.45 -32.86
CA GLU B 183 -12.15 13.67 -32.90
C GLU B 183 -12.14 14.40 -31.57
N ALA B 184 -12.23 13.65 -30.47
CA ALA B 184 -12.08 14.26 -29.14
C ALA B 184 -10.74 14.98 -29.02
N GLN B 185 -9.67 14.37 -29.51
CA GLN B 185 -8.35 14.96 -29.45
C GLN B 185 -8.32 16.28 -30.24
N ARG B 186 -8.83 16.24 -31.46
CA ARG B 186 -8.85 17.42 -32.31
C ARG B 186 -9.65 18.56 -31.67
N LEU B 187 -10.83 18.24 -31.15
CA LEU B 187 -11.69 19.27 -30.57
C LEU B 187 -11.10 19.85 -29.30
N PHE B 188 -10.45 19.00 -28.49
CA PHE B 188 -9.83 19.46 -27.24
C PHE B 188 -8.70 20.46 -27.55
N ILE B 189 -7.82 20.11 -28.48
CA ILE B 189 -6.73 21.01 -28.88
C ILE B 189 -7.30 22.30 -29.45
N ALA B 190 -8.34 22.20 -30.26
CA ALA B 190 -8.92 23.39 -30.88
C ALA B 190 -9.45 24.37 -29.82
N ARG B 191 -10.13 23.83 -28.82
CA ARG B 191 -10.68 24.69 -27.78
C ARG B 191 -9.57 25.27 -26.91
N PHE B 192 -8.57 24.45 -26.58
CA PHE B 192 -7.41 24.95 -25.86
C PHE B 192 -6.81 26.16 -26.59
N GLU B 193 -6.60 26.00 -27.89
CA GLU B 193 -5.97 27.04 -28.70
C GLU B 193 -6.87 28.27 -28.79
N ALA B 194 -8.18 28.05 -28.86
CA ALA B 194 -9.12 29.18 -28.90
C ALA B 194 -9.05 30.01 -27.63
N ILE B 195 -8.99 29.34 -26.48
CA ILE B 195 -8.88 30.03 -25.21
C ILE B 195 -7.51 30.71 -25.08
N GLU B 196 -6.45 30.08 -25.60
CA GLU B 196 -5.14 30.71 -25.56
C GLU B 196 -5.15 32.05 -26.29
N THR B 197 -5.85 32.09 -27.42
CA THR B 197 -5.98 33.33 -28.20
C THR B 197 -6.75 34.39 -27.39
N LEU B 198 -7.80 33.98 -26.69
CA LEU B 198 -8.53 34.92 -25.81
C LEU B 198 -7.63 35.42 -24.69
N ARG B 199 -6.77 34.56 -24.15
CA ARG B 199 -5.87 34.98 -23.09
C ARG B 199 -4.91 36.06 -23.57
N VAL B 200 -4.40 35.90 -24.79
CA VAL B 200 -3.49 36.88 -25.39
C VAL B 200 -4.22 38.20 -25.62
N THR B 201 -5.47 38.14 -26.07
CA THR B 201 -6.27 39.35 -26.31
C THR B 201 -6.49 40.10 -25.00
N ARG B 202 -6.98 39.36 -24.00
CA ARG B 202 -7.26 39.91 -22.67
C ARG B 202 -6.02 40.53 -22.05
N THR B 203 -4.87 39.87 -22.19
CA THR B 203 -3.63 40.36 -21.59
C THR B 203 -3.02 41.52 -22.39
N SER C 6 -8.06 3.78 32.12
CA SER C 6 -7.66 2.54 32.87
C SER C 6 -6.45 1.88 32.20
N PRO C 7 -5.51 1.36 33.02
CA PRO C 7 -4.38 0.63 32.45
C PRO C 7 -4.82 -0.71 31.83
N ARG C 8 -4.27 -1.02 30.67
CA ARG C 8 -4.64 -2.21 29.92
C ARG C 8 -3.97 -3.46 30.50
N ALA C 9 -4.76 -4.49 30.73
CA ALA C 9 -4.31 -5.69 31.41
C ALA C 9 -4.19 -6.91 30.48
N TRP C 10 -4.67 -6.78 29.25
CA TRP C 10 -4.71 -7.91 28.33
C TRP C 10 -4.44 -7.47 26.91
N GLN C 11 -4.09 -8.44 26.07
CA GLN C 11 -4.00 -8.23 24.65
C GLN C 11 -5.16 -8.97 23.98
N ARG C 12 -6.02 -8.20 23.33
CA ARG C 12 -7.10 -8.78 22.52
C ARG C 12 -6.47 -9.30 21.23
N MET C 13 -7.01 -10.41 20.72
CA MET C 13 -6.53 -11.01 19.48
C MET C 13 -7.56 -10.78 18.39
N LEU C 14 -7.15 -10.84 17.12
CA LEU C 14 -8.05 -10.61 16.01
C LEU C 14 -9.16 -11.66 15.99
N SER C 15 -8.84 -12.84 16.51
CA SER C 15 -9.78 -13.95 16.61
C SER C 15 -10.83 -13.78 17.69
N GLY C 16 -10.70 -12.76 18.53
CA GLY C 16 -11.67 -12.49 19.60
C GLY C 16 -11.23 -12.87 20.99
N ARG C 17 -10.30 -13.81 21.07
CA ARG C 17 -9.68 -14.23 22.31
C ARG C 17 -8.88 -13.08 22.91
N ARG C 18 -8.51 -13.22 24.17
CA ARG C 18 -7.55 -12.33 24.80
C ARG C 18 -6.68 -13.09 25.78
N LEU C 19 -5.48 -12.56 26.00
CA LEU C 19 -4.52 -13.16 26.89
C LEU C 19 -4.14 -12.12 27.94
N ASP C 20 -4.21 -12.52 29.21
CA ASP C 20 -3.83 -11.66 30.32
C ASP C 20 -2.33 -11.46 30.25
N LEU C 21 -1.88 -10.22 30.32
CA LEU C 21 -0.46 -9.90 30.12
C LEU C 21 0.42 -10.45 31.25
N LEU C 22 -0.04 -10.33 32.49
CA LEU C 22 0.79 -10.68 33.65
C LEU C 22 0.57 -12.09 34.17
N ASP C 23 -0.63 -12.64 34.01
CA ASP C 23 -0.89 -14.04 34.38
C ASP C 23 -1.63 -14.77 33.25
N PRO C 24 -0.93 -15.00 32.13
CA PRO C 24 -1.50 -15.66 30.97
C PRO C 24 -1.99 -17.08 31.25
N SER C 25 -3.16 -17.43 30.72
CA SER C 25 -3.71 -18.77 30.80
C SER C 25 -3.34 -19.55 29.54
N PRO C 26 -2.89 -20.81 29.68
CA PRO C 26 -2.66 -21.60 28.49
C PRO C 26 -3.91 -21.70 27.60
N LEU C 27 -5.09 -21.68 28.20
CA LEU C 27 -6.32 -21.94 27.47
C LEU C 27 -6.74 -20.79 26.55
N ASP C 28 -6.06 -19.64 26.68
CA ASP C 28 -6.27 -18.48 25.83
C ASP C 28 -5.29 -18.44 24.64
N VAL C 29 -4.34 -19.37 24.59
CA VAL C 29 -3.30 -19.37 23.55
C VAL C 29 -3.78 -20.19 22.37
N GLU C 30 -3.65 -19.64 21.16
CA GLU C 30 -3.92 -20.37 19.93
C GLU C 30 -2.85 -20.05 18.89
N ILE C 31 -2.47 -21.05 18.12
CA ILE C 31 -1.37 -20.90 17.17
C ILE C 31 -1.71 -19.88 16.07
N ALA C 32 -2.97 -19.77 15.68
CA ALA C 32 -3.35 -18.78 14.68
C ALA C 32 -3.02 -17.35 15.15
N ASP C 33 -3.24 -17.08 16.43
CA ASP C 33 -2.96 -15.77 16.99
C ASP C 33 -1.44 -15.52 17.02
N ILE C 34 -0.70 -16.54 17.45
CA ILE C 34 0.77 -16.47 17.51
C ILE C 34 1.33 -16.20 16.11
N ALA C 35 0.91 -17.01 15.14
CA ALA C 35 1.50 -16.93 13.80
C ALA C 35 1.22 -15.56 13.18
N HIS C 36 0.01 -15.06 13.40
CA HIS C 36 -0.36 -13.76 12.85
C HIS C 36 0.58 -12.68 13.34
N GLY C 37 0.80 -12.65 14.66
CA GLY C 37 1.63 -11.63 15.27
C GLY C 37 3.09 -11.81 14.89
N LEU C 38 3.60 -13.03 15.04
CA LEU C 38 5.03 -13.25 14.75
C LEU C 38 5.41 -12.93 13.31
N ALA C 39 4.45 -13.07 12.40
CA ALA C 39 4.67 -12.79 10.99
C ALA C 39 4.69 -11.30 10.67
N ARG C 40 4.42 -10.47 11.67
CA ARG C 40 4.45 -9.02 11.51
C ARG C 40 5.46 -8.34 12.43
N VAL C 41 5.89 -8.99 13.51
CA VAL C 41 6.91 -8.44 14.41
C VAL C 41 8.29 -8.62 13.75
N ALA C 42 9.05 -7.53 13.69
CA ALA C 42 10.37 -7.52 13.06
C ALA C 42 11.49 -7.85 14.04
N ARG C 43 12.52 -8.52 13.54
CA ARG C 43 13.80 -8.67 14.23
C ARG C 43 14.71 -7.48 13.92
N TRP C 44 15.73 -7.32 14.74
CA TRP C 44 16.83 -6.36 14.49
C TRP C 44 16.33 -4.91 14.46
N ASN C 45 15.21 -4.62 15.14
CA ASN C 45 14.61 -3.28 15.13
C ASN C 45 14.36 -2.78 13.72
N GLY C 46 14.11 -3.71 12.80
CA GLY C 46 13.82 -3.34 11.43
C GLY C 46 15.01 -2.85 10.62
N GLN C 47 16.22 -2.96 11.18
CA GLN C 47 17.41 -2.43 10.52
C GLN C 47 17.98 -3.54 9.62
N THR C 48 17.19 -3.92 8.61
CA THR C 48 17.52 -5.08 7.77
C THR C 48 17.34 -4.76 6.29
N ARG C 49 18.20 -5.35 5.48
CA ARG C 49 18.16 -5.15 4.03
C ARG C 49 16.94 -5.83 3.44
N GLY C 50 16.28 -5.19 2.49
CA GLY C 50 15.15 -5.80 1.82
C GLY C 50 13.88 -5.01 1.99
N ASP C 51 12.98 -5.16 1.03
CA ASP C 51 11.71 -4.45 1.04
C ASP C 51 10.79 -4.91 2.15
N HIS C 52 10.99 -6.13 2.63
CA HIS C 52 10.18 -6.67 3.71
C HIS C 52 10.98 -6.86 4.97
N ALA C 53 10.37 -6.57 6.11
CA ALA C 53 11.01 -6.83 7.40
C ALA C 53 11.33 -8.32 7.54
N PHE C 54 12.37 -8.62 8.30
CA PHE C 54 12.70 -10.00 8.61
C PHE C 54 11.99 -10.33 9.92
N THR C 55 10.96 -11.17 9.83
CA THR C 55 10.03 -11.34 10.94
C THR C 55 10.46 -12.39 11.93
N VAL C 56 9.91 -12.29 13.14
CA VAL C 56 10.17 -13.29 14.17
C VAL C 56 9.70 -14.67 13.69
N ALA C 57 8.59 -14.74 12.97
CA ALA C 57 8.12 -16.03 12.44
C ALA C 57 9.17 -16.70 11.55
N GLN C 58 9.79 -15.90 10.68
CA GLN C 58 10.84 -16.43 9.81
C GLN C 58 12.06 -16.85 10.62
N HIS C 59 12.43 -16.05 11.61
CA HIS C 59 13.52 -16.42 12.54
C HIS C 59 13.23 -17.77 13.19
N CYS C 60 12.00 -17.97 13.66
CA CYS C 60 11.63 -19.22 14.31
C CYS C 60 11.81 -20.41 13.37
N LEU C 61 11.42 -20.23 12.11
CA LEU C 61 11.56 -21.29 11.12
C LEU C 61 13.03 -21.67 10.92
N ILE C 62 13.88 -20.65 10.81
CA ILE C 62 15.32 -20.89 10.64
C ILE C 62 15.92 -21.57 11.87
N VAL C 63 15.53 -21.09 13.06
CA VAL C 63 16.02 -21.69 14.30
C VAL C 63 15.66 -23.16 14.37
N GLU C 64 14.41 -23.51 14.08
CA GLU C 64 13.99 -24.91 14.19
C GLU C 64 14.74 -25.75 13.14
N THR C 65 14.96 -25.19 11.96
CA THR C 65 15.70 -25.90 10.91
C THR C 65 17.13 -26.16 11.38
N ILE C 66 17.78 -25.13 11.90
CA ILE C 66 19.16 -25.25 12.39
C ILE C 66 19.22 -26.21 13.58
N PHE C 67 18.25 -26.10 14.49
CA PHE C 67 18.19 -27.03 15.62
C PHE C 67 18.20 -28.49 15.13
N CYS C 68 17.38 -28.79 14.15
CA CYS C 68 17.28 -30.17 13.63
C CYS C 68 18.59 -30.62 12.97
N ARG C 69 19.25 -29.71 12.27
CA ARG C 69 20.54 -30.06 11.65
C ARG C 69 21.63 -30.27 12.70
N MET C 70 21.63 -29.44 13.75
CA MET C 70 22.63 -29.55 14.82
C MET C 70 22.33 -30.74 15.74
N CYS C 71 21.06 -31.14 15.80
CA CYS C 71 20.58 -32.20 16.71
C CYS C 71 19.76 -33.23 15.95
N PRO C 72 20.43 -34.08 15.16
CA PRO C 72 19.72 -35.06 14.35
C PRO C 72 18.87 -36.08 15.14
N GLY C 73 19.16 -36.24 16.44
CA GLY C 73 18.34 -37.09 17.29
C GLY C 73 17.19 -36.39 18.00
N ALA C 74 16.91 -35.15 17.63
CA ALA C 74 15.81 -34.41 18.27
C ALA C 74 14.46 -35.12 18.13
N THR C 75 13.66 -35.07 19.19
CA THR C 75 12.28 -35.58 19.14
C THR C 75 11.33 -34.48 18.68
N PRO C 76 10.15 -34.88 18.18
CA PRO C 76 9.16 -33.88 17.77
C PRO C 76 8.78 -32.86 18.85
N ASP C 77 8.68 -33.27 20.11
CA ASP C 77 8.38 -32.31 21.17
C ASP C 77 9.48 -31.25 21.22
N GLU C 78 10.73 -31.68 21.08
CA GLU C 78 11.85 -30.73 21.10
C GLU C 78 11.83 -29.80 19.89
N MET C 79 11.47 -30.34 18.73
CA MET C 79 11.33 -29.52 17.52
C MET C 79 10.29 -28.43 17.76
N GLN C 80 9.18 -28.80 18.41
CA GLN C 80 8.11 -27.83 18.63
C GLN C 80 8.57 -26.76 19.64
N MET C 81 9.30 -27.16 20.68
CA MET C 81 9.85 -26.17 21.60
C MET C 81 10.84 -25.21 20.89
N ALA C 82 11.56 -25.71 19.90
CA ALA C 82 12.48 -24.87 19.13
C ALA C 82 11.71 -23.86 18.29
N LEU C 83 10.70 -24.33 17.56
CA LEU C 83 9.89 -23.44 16.75
C LEU C 83 9.19 -22.38 17.59
N LEU C 84 8.72 -22.78 18.77
CA LEU C 84 7.91 -21.92 19.62
C LEU C 84 8.73 -21.13 20.63
N HIS C 85 10.05 -21.22 20.58
CA HIS C 85 10.84 -20.54 21.60
C HIS C 85 10.56 -19.04 21.69
N ASP C 86 10.41 -18.39 20.54
CA ASP C 86 10.10 -16.95 20.53
C ASP C 86 8.60 -16.64 20.48
N ALA C 87 7.76 -17.65 20.68
CA ALA C 87 6.32 -17.42 20.64
C ALA C 87 5.85 -16.31 21.60
N PRO C 88 6.42 -16.22 22.81
CA PRO C 88 6.00 -15.12 23.69
C PRO C 88 6.06 -13.71 23.12
N GLU C 89 6.89 -13.51 22.11
CA GLU C 89 6.98 -12.20 21.46
C GLU C 89 5.65 -11.74 20.86
N TYR C 90 4.68 -12.65 20.67
CA TYR C 90 3.40 -12.23 20.11
C TYR C 90 2.61 -11.38 21.09
N VAL C 91 3.01 -11.38 22.37
CA VAL C 91 2.41 -10.56 23.41
C VAL C 91 3.42 -9.60 24.06
N ILE C 92 4.70 -9.98 24.13
CA ILE C 92 5.66 -9.09 24.78
C ILE C 92 6.49 -8.25 23.80
N GLY C 93 6.43 -8.59 22.51
CA GLY C 93 7.21 -7.88 21.48
C GLY C 93 8.62 -8.41 21.35
N ASP C 94 9.36 -7.84 20.40
CA ASP C 94 10.76 -8.16 20.18
C ASP C 94 11.66 -7.07 20.77
N MET C 95 12.63 -7.52 21.55
CA MET C 95 13.63 -6.63 22.13
C MET C 95 14.99 -7.26 21.87
N ILE C 96 15.91 -6.47 21.35
CA ILE C 96 17.25 -6.98 21.11
C ILE C 96 17.95 -7.38 22.41
N SER C 97 18.83 -8.37 22.30
CA SER C 97 19.44 -9.02 23.47
C SER C 97 20.14 -8.05 24.44
N PRO C 98 20.88 -7.04 23.92
CA PRO C 98 21.52 -6.09 24.84
C PRO C 98 20.57 -5.42 25.84
N PHE C 99 19.32 -5.20 25.46
CA PHE C 99 18.38 -4.56 26.36
C PHE C 99 17.73 -5.57 27.31
N LYS C 100 17.73 -6.85 26.95
CA LYS C 100 17.26 -7.90 27.87
C LYS C 100 18.02 -7.91 29.19
N SER C 101 19.29 -7.49 29.16
CA SER C 101 20.11 -7.34 30.37
C SER C 101 19.84 -6.05 31.12
N VAL C 102 19.09 -5.14 30.52
CA VAL C 102 18.78 -3.84 31.11
C VAL C 102 17.41 -3.82 31.77
N VAL C 103 16.46 -4.55 31.19
CA VAL C 103 15.08 -4.56 31.69
C VAL C 103 14.96 -5.16 33.10
N GLY C 104 13.91 -4.77 33.81
CA GLY C 104 13.64 -5.26 35.15
C GLY C 104 13.13 -6.69 35.17
N GLY C 105 12.87 -7.22 36.37
CA GLY C 105 12.85 -8.66 36.62
C GLY C 105 11.76 -9.68 36.31
N GLY C 106 10.47 -9.38 36.37
CA GLY C 106 9.87 -8.08 36.13
C GLY C 106 9.28 -8.35 34.76
N TYR C 107 9.96 -7.84 33.76
CA TYR C 107 9.74 -8.19 32.36
C TYR C 107 10.09 -9.67 32.15
N LYS C 108 11.19 -10.09 32.77
CA LYS C 108 11.68 -11.46 32.63
C LYS C 108 10.70 -12.49 33.22
N THR C 109 10.01 -12.11 34.29
CA THR C 109 8.97 -12.94 34.92
C THR C 109 7.83 -13.18 33.95
N VAL C 110 7.38 -12.11 33.30
CA VAL C 110 6.31 -12.20 32.31
C VAL C 110 6.70 -13.13 31.18
N GLU C 111 7.92 -12.96 30.68
CA GLU C 111 8.41 -13.78 29.57
C GLU C 111 8.36 -15.26 29.94
N LYS C 112 8.79 -15.60 31.15
CA LYS C 112 8.79 -16.98 31.62
C LYS C 112 7.37 -17.53 31.75
N ARG C 113 6.45 -16.70 32.25
CA ARG C 113 5.04 -17.12 32.37
C ARG C 113 4.42 -17.37 31.00
N LEU C 114 4.74 -16.51 30.03
CA LEU C 114 4.23 -16.69 28.66
C LEU C 114 4.77 -17.98 28.04
N GLU C 115 6.04 -18.27 28.27
CA GLU C 115 6.62 -19.53 27.80
C GLU C 115 5.84 -20.75 28.32
N ALA C 116 5.55 -20.73 29.62
CA ALA C 116 4.81 -21.82 30.25
C ALA C 116 3.40 -21.93 29.67
N ALA C 117 2.75 -20.79 29.46
CA ALA C 117 1.38 -20.80 28.93
C ALA C 117 1.35 -21.39 27.52
N VAL C 118 2.27 -20.93 26.67
CA VAL C 118 2.35 -21.45 25.31
C VAL C 118 2.66 -22.95 25.35
N HIS C 119 3.65 -23.35 26.13
CA HIS C 119 4.00 -24.77 26.21
C HIS C 119 2.83 -25.63 26.71
N LEU C 120 2.19 -25.18 27.79
CA LEU C 120 1.10 -25.95 28.38
C LEU C 120 -0.09 -26.07 27.43
N ARG C 121 -0.34 -25.01 26.67
CA ARG C 121 -1.39 -25.07 25.65
C ARG C 121 -1.22 -26.28 24.74
N PHE C 122 0.02 -26.53 24.33
CA PHE C 122 0.29 -27.59 23.36
C PHE C 122 0.79 -28.89 23.98
N GLY C 123 0.60 -29.07 25.29
CA GLY C 123 0.94 -30.32 25.94
C GLY C 123 2.43 -30.57 26.06
N LEU C 124 3.21 -29.48 26.06
CA LEU C 124 4.66 -29.56 26.23
C LEU C 124 5.05 -29.24 27.66
N PRO C 125 6.27 -29.65 28.07
CA PRO C 125 6.70 -29.29 29.41
C PRO C 125 6.66 -27.77 29.57
N PRO C 126 6.21 -27.23 30.73
CA PRO C 126 6.14 -25.77 30.87
C PRO C 126 7.41 -25.05 30.48
N HIS C 127 8.56 -25.66 30.78
CA HIS C 127 9.85 -25.11 30.37
C HIS C 127 10.77 -26.21 29.86
N ALA C 128 11.58 -25.88 28.88
CA ALA C 128 12.60 -26.81 28.40
C ALA C 128 13.56 -27.10 29.53
N SER C 129 14.13 -28.30 29.52
CA SER C 129 15.25 -28.58 30.41
C SER C 129 16.40 -27.63 30.10
N ARG C 130 17.31 -27.46 31.04
CA ARG C 130 18.48 -26.63 30.79
C ARG C 130 19.26 -27.12 29.57
N GLU C 131 19.40 -28.43 29.43
CA GLU C 131 20.15 -28.97 28.31
C GLU C 131 19.47 -28.63 26.98
N LEU C 132 18.15 -28.74 26.93
CA LEU C 132 17.42 -28.44 25.71
C LEU C 132 17.46 -26.94 25.43
N LYS C 133 17.27 -26.14 26.47
CA LYS C 133 17.44 -24.68 26.36
C LYS C 133 18.80 -24.34 25.73
N ASP C 134 19.85 -25.01 26.18
CA ASP C 134 21.18 -24.80 25.60
C ASP C 134 21.23 -25.10 24.10
N ARG C 135 20.64 -26.21 23.69
CA ARG C 135 20.61 -26.57 22.27
C ARG C 135 19.84 -25.54 21.45
N ILE C 136 18.68 -25.13 21.94
CA ILE C 136 17.85 -24.17 21.20
C ILE C 136 18.56 -22.82 21.14
N LYS C 137 19.16 -22.41 22.25
CA LYS C 137 19.89 -21.13 22.29
C LYS C 137 21.04 -21.15 21.29
N LYS C 138 21.73 -22.28 21.16
CA LYS C 138 22.82 -22.38 20.20
C LYS C 138 22.30 -22.22 18.78
N ALA C 139 21.18 -22.85 18.49
CA ALA C 139 20.55 -22.71 17.18
C ALA C 139 20.14 -21.25 16.95
N ASP C 140 19.61 -20.63 18.00
CA ASP C 140 19.20 -19.21 17.90
C ASP C 140 20.39 -18.30 17.58
N THR C 141 21.51 -18.54 18.25
CA THR C 141 22.71 -17.74 18.07
C THR C 141 23.33 -17.94 16.69
N VAL C 142 23.28 -19.17 16.18
CA VAL C 142 23.73 -19.44 14.81
C VAL C 142 22.85 -18.68 13.79
N ALA C 143 21.53 -18.77 13.96
CA ALA C 143 20.62 -17.98 13.14
C ALA C 143 20.98 -16.50 13.21
N ALA C 144 21.21 -16.01 14.43
CA ALA C 144 21.57 -14.60 14.62
C ALA C 144 22.83 -14.21 13.88
N PHE C 145 23.84 -15.09 13.90
CA PHE C 145 25.06 -14.83 13.16
C PHE C 145 24.77 -14.55 11.68
N PHE C 146 23.99 -15.42 11.06
CA PHE C 146 23.70 -15.28 9.62
C PHE C 146 22.77 -14.09 9.33
N GLU C 147 21.77 -13.87 10.18
CA GLU C 147 20.91 -12.69 10.00
C GLU C 147 21.73 -11.42 10.15
N ALA C 148 22.60 -11.37 11.15
CA ALA C 148 23.37 -10.16 11.44
C ALA C 148 24.23 -9.77 10.26
N THR C 149 24.83 -10.76 9.61
CA THR C 149 25.78 -10.50 8.51
C THR C 149 25.07 -10.35 7.18
N GLU C 150 24.05 -11.16 6.92
CA GLU C 150 23.37 -11.14 5.63
C GLU C 150 22.37 -10.00 5.53
N LEU C 151 21.74 -9.67 6.66
CA LEU C 151 20.59 -8.75 6.64
C LEU C 151 20.78 -7.45 7.41
N ALA C 152 21.44 -7.49 8.56
CA ALA C 152 21.40 -6.37 9.50
C ALA C 152 22.67 -5.50 9.56
N GLY C 153 23.57 -5.68 8.60
CA GLY C 153 24.66 -4.74 8.41
C GLY C 153 25.92 -4.96 9.24
N PHE C 154 25.99 -6.06 9.99
CA PHE C 154 27.14 -6.34 10.83
C PHE C 154 28.23 -7.00 10.00
N SER C 155 29.48 -6.65 10.28
CA SER C 155 30.59 -7.35 9.66
C SER C 155 30.73 -8.76 10.23
N THR C 156 31.49 -9.60 9.53
CA THR C 156 31.79 -10.93 10.06
C THR C 156 32.54 -10.85 11.39
N ALA C 157 33.38 -9.84 11.54
CA ALA C 157 34.10 -9.65 12.79
C ALA C 157 33.15 -9.30 13.95
N GLU C 158 32.18 -8.44 13.67
CA GLU C 158 31.17 -8.07 14.67
C GLU C 158 30.34 -9.28 15.02
N ALA C 159 29.87 -9.99 14.01
CA ALA C 159 28.99 -11.14 14.26
C ALA C 159 29.74 -12.24 15.03
N GLN C 160 31.00 -12.45 14.70
CA GLN C 160 31.79 -13.47 15.40
C GLN C 160 31.94 -13.09 16.87
N LYS C 161 32.20 -11.81 17.14
CA LYS C 161 32.34 -11.35 18.51
C LYS C 161 31.06 -11.58 19.31
N PHE C 162 29.93 -11.20 18.72
CA PHE C 162 28.68 -11.18 19.46
C PHE C 162 28.00 -12.54 19.51
N PHE C 163 28.14 -13.32 18.44
CA PHE C 163 27.37 -14.56 18.28
C PHE C 163 28.24 -15.81 18.20
N GLY C 164 29.54 -15.64 17.93
CA GLY C 164 30.41 -16.77 17.68
C GLY C 164 30.33 -17.22 16.24
N LEU C 165 31.37 -17.92 15.80
CA LEU C 165 31.43 -18.47 14.45
C LEU C 165 30.70 -19.82 14.42
N PRO C 166 29.74 -19.96 13.52
CA PRO C 166 29.00 -21.20 13.43
C PRO C 166 29.89 -22.42 13.13
N ARG C 167 29.56 -23.49 13.85
CA ARG C 167 30.12 -24.83 13.87
C ARG C 167 29.29 -25.77 12.99
N GLY C 168 29.60 -25.83 11.70
CA GLY C 168 29.02 -26.81 10.83
C GLY C 168 27.68 -26.49 10.23
N ILE C 169 27.22 -25.27 10.43
CA ILE C 169 26.00 -24.82 9.78
C ILE C 169 26.41 -23.82 8.72
N THR C 170 25.85 -23.97 7.54
CA THR C 170 26.13 -23.09 6.43
C THR C 170 24.84 -22.44 5.92
N ARG C 171 25.01 -21.29 5.30
CA ARG C 171 23.88 -20.45 4.86
C ARG C 171 22.99 -21.10 3.81
N ASP C 172 23.47 -22.15 3.14
CA ASP C 172 22.67 -22.88 2.14
C ASP C 172 21.70 -23.92 2.75
N MET C 173 21.71 -24.06 4.08
CA MET C 173 20.79 -24.98 4.77
C MET C 173 19.42 -24.37 5.11
N PHE C 174 19.21 -23.10 4.77
CA PHE C 174 17.94 -22.41 5.03
C PHE C 174 17.82 -21.17 4.13
N ASP C 175 16.63 -20.55 4.13
CA ASP C 175 16.36 -19.37 3.31
C ASP C 175 16.25 -18.13 4.19
N ILE C 176 17.11 -17.15 3.97
CA ILE C 176 17.17 -15.96 4.82
C ILE C 176 16.59 -14.68 4.20
N ILE C 177 16.30 -14.70 2.89
CA ILE C 177 15.74 -13.51 2.26
C ILE C 177 14.42 -13.22 2.97
N PRO C 178 14.24 -11.97 3.46
CA PRO C 178 13.02 -11.67 4.22
C PRO C 178 11.72 -11.88 3.45
N LEU C 179 10.85 -12.69 4.04
CA LEU C 179 9.54 -13.00 3.49
C LEU C 179 8.49 -11.97 3.89
N PRO C 180 7.54 -11.69 2.99
CA PRO C 180 6.39 -10.90 3.39
C PRO C 180 5.58 -11.60 4.46
N SER C 181 4.87 -10.82 5.26
CA SER C 181 4.12 -11.34 6.39
C SER C 181 3.19 -12.50 6.02
N THR C 182 2.46 -12.38 4.92
CA THR C 182 1.50 -13.44 4.59
C THR C 182 2.19 -14.80 4.37
N GLU C 183 3.36 -14.77 3.74
CA GLU C 183 4.10 -15.98 3.48
C GLU C 183 4.77 -16.54 4.75
N ALA C 184 5.35 -15.65 5.55
CA ALA C 184 5.96 -16.08 6.82
C ALA C 184 4.89 -16.78 7.70
N GLN C 185 3.70 -16.19 7.74
CA GLN C 185 2.60 -16.70 8.53
C GLN C 185 2.22 -18.09 8.06
N ARG C 186 2.08 -18.24 6.75
CA ARG C 186 1.69 -19.51 6.16
C ARG C 186 2.71 -20.60 6.43
N LEU C 187 3.99 -20.28 6.20
CA LEU C 187 5.05 -21.26 6.42
C LEU C 187 5.18 -21.65 7.90
N PHE C 188 5.00 -20.67 8.79
CA PHE C 188 5.10 -20.94 10.22
C PHE C 188 4.02 -21.93 10.66
N ILE C 189 2.79 -21.67 10.26
CA ILE C 189 1.69 -22.57 10.61
C ILE C 189 1.92 -23.97 10.02
N ALA C 190 2.34 -24.01 8.77
CA ALA C 190 2.58 -25.28 8.12
C ALA C 190 3.65 -26.10 8.87
N ARG C 191 4.74 -25.46 9.32
CA ARG C 191 5.75 -26.23 10.06
C ARG C 191 5.23 -26.68 11.41
N PHE C 192 4.54 -25.78 12.10
CA PHE C 192 3.91 -26.13 13.36
C PHE C 192 3.00 -27.37 13.20
N GLU C 193 2.17 -27.37 12.15
CA GLU C 193 1.24 -28.49 11.91
C GLU C 193 1.98 -29.77 11.56
N ALA C 194 3.07 -29.65 10.81
CA ALA C 194 3.88 -30.84 10.48
C ALA C 194 4.50 -31.46 11.74
N ILE C 195 5.02 -30.62 12.62
CA ILE C 195 5.59 -31.12 13.87
C ILE C 195 4.48 -31.73 14.75
N GLU C 196 3.31 -31.09 14.81
CA GLU C 196 2.19 -31.64 15.57
C GLU C 196 1.85 -33.05 15.11
N THR C 197 1.89 -33.26 13.79
CA THR C 197 1.61 -34.58 13.23
C THR C 197 2.65 -35.61 13.68
N LEU C 198 3.91 -35.21 13.76
CA LEU C 198 4.98 -36.10 14.21
C LEU C 198 4.88 -36.41 15.70
N ARG C 199 4.31 -35.49 16.46
CA ARG C 199 4.21 -35.65 17.92
C ARG C 199 3.23 -36.73 18.34
N VAL C 200 2.11 -36.83 17.63
CA VAL C 200 1.12 -37.83 18.02
C VAL C 200 1.70 -39.22 17.67
N THR C 201 2.48 -39.27 16.60
CA THR C 201 3.14 -40.47 16.10
C THR C 201 4.26 -40.95 17.02
N ARG D 8 -22.13 8.18 -3.33
CA ARG D 8 -22.39 6.99 -4.22
C ARG D 8 -21.53 5.80 -3.79
N ALA D 9 -22.18 4.66 -3.50
CA ALA D 9 -21.49 3.50 -2.95
C ALA D 9 -21.44 2.28 -3.90
N TRP D 10 -22.03 2.46 -5.08
CA TRP D 10 -22.19 1.38 -6.04
C TRP D 10 -21.90 1.86 -7.44
N GLN D 11 -21.71 0.91 -8.34
CA GLN D 11 -21.71 1.21 -9.75
C GLN D 11 -22.89 0.53 -10.43
N ARG D 12 -23.73 1.35 -11.05
CA ARG D 12 -24.84 0.88 -11.86
C ARG D 12 -24.30 0.43 -13.21
N MET D 13 -24.83 -0.67 -13.72
CA MET D 13 -24.42 -1.19 -15.02
C MET D 13 -25.50 -0.85 -16.05
N LEU D 14 -25.12 -0.83 -17.32
CA LEU D 14 -26.06 -0.58 -18.42
C LEU D 14 -27.18 -1.61 -18.45
N SER D 15 -26.85 -2.83 -18.02
CA SER D 15 -27.79 -3.94 -17.91
C SER D 15 -28.79 -3.82 -16.78
N GLY D 16 -28.63 -2.85 -15.90
CA GLY D 16 -29.55 -2.65 -14.78
C GLY D 16 -29.03 -3.13 -13.46
N ARG D 17 -28.07 -4.03 -13.48
CA ARG D 17 -27.44 -4.51 -12.26
C ARG D 17 -26.68 -3.37 -11.60
N ARG D 18 -26.36 -3.53 -10.32
CA ARG D 18 -25.38 -2.69 -9.69
C ARG D 18 -24.54 -3.48 -8.71
N LEU D 19 -23.29 -3.05 -8.57
CA LEU D 19 -22.32 -3.76 -7.74
C LEU D 19 -21.91 -2.82 -6.61
N ASP D 20 -21.92 -3.35 -5.39
CA ASP D 20 -21.44 -2.62 -4.21
C ASP D 20 -19.93 -2.65 -4.25
N LEU D 21 -19.33 -1.46 -4.31
CA LEU D 21 -17.89 -1.29 -4.51
C LEU D 21 -17.10 -1.89 -3.34
N LEU D 22 -17.57 -1.65 -2.12
CA LEU D 22 -16.81 -2.04 -0.94
C LEU D 22 -17.13 -3.44 -0.41
N ASP D 23 -18.32 -3.95 -0.72
CA ASP D 23 -18.74 -5.28 -0.29
C ASP D 23 -19.44 -5.98 -1.48
N PRO D 24 -18.68 -6.19 -2.57
CA PRO D 24 -19.30 -6.71 -3.79
C PRO D 24 -19.80 -8.12 -3.66
N SER D 25 -20.99 -8.40 -4.21
CA SER D 25 -21.55 -9.73 -4.23
C SER D 25 -21.18 -10.38 -5.55
N PRO D 26 -20.75 -11.66 -5.52
CA PRO D 26 -20.53 -12.36 -6.80
C PRO D 26 -21.78 -12.39 -7.67
N LEU D 27 -22.95 -12.40 -7.03
CA LEU D 27 -24.19 -12.58 -7.76
C LEU D 27 -24.61 -11.35 -8.56
N ASP D 28 -23.95 -10.22 -8.33
CA ASP D 28 -24.14 -9.01 -9.14
C ASP D 28 -23.17 -8.89 -10.32
N VAL D 29 -22.24 -9.84 -10.43
CA VAL D 29 -21.22 -9.81 -11.48
C VAL D 29 -21.73 -10.56 -12.71
N GLU D 30 -21.64 -9.93 -13.87
CA GLU D 30 -21.94 -10.60 -15.14
C GLU D 30 -20.91 -10.24 -16.19
N ILE D 31 -20.56 -11.20 -17.04
CA ILE D 31 -19.50 -10.98 -18.00
C ILE D 31 -19.85 -9.90 -19.04
N ALA D 32 -21.13 -9.75 -19.37
CA ALA D 32 -21.51 -8.70 -20.32
C ALA D 32 -21.12 -7.33 -19.80
N ASP D 33 -21.28 -7.15 -18.49
CA ASP D 33 -20.97 -5.85 -17.88
C ASP D 33 -19.46 -5.64 -17.87
N ILE D 34 -18.73 -6.69 -17.51
CA ILE D 34 -17.26 -6.65 -17.49
C ILE D 34 -16.71 -6.32 -18.88
N ALA D 35 -17.17 -7.08 -19.88
CA ALA D 35 -16.66 -6.91 -21.24
C ALA D 35 -16.91 -5.51 -21.79
N HIS D 36 -18.10 -4.99 -21.53
CA HIS D 36 -18.45 -3.66 -22.01
C HIS D 36 -17.49 -2.61 -21.46
N GLY D 37 -17.26 -2.68 -20.15
CA GLY D 37 -16.39 -1.71 -19.51
C GLY D 37 -14.94 -1.88 -19.91
N LEU D 38 -14.43 -3.10 -19.84
CA LEU D 38 -13.02 -3.34 -20.16
C LEU D 38 -12.66 -2.95 -21.58
N ALA D 39 -13.62 -3.05 -22.49
CA ALA D 39 -13.42 -2.69 -23.88
C ALA D 39 -13.40 -1.18 -24.11
N ARG D 40 -13.61 -0.39 -23.06
CA ARG D 40 -13.59 1.07 -23.12
C ARG D 40 -12.55 1.71 -22.19
N VAL D 41 -12.16 1.01 -21.13
CA VAL D 41 -11.10 1.49 -20.23
C VAL D 41 -9.76 1.29 -20.93
N ALA D 42 -8.95 2.35 -20.93
CA ALA D 42 -7.67 2.33 -21.62
C ALA D 42 -6.51 1.97 -20.70
N ARG D 43 -5.50 1.32 -21.28
CA ARG D 43 -4.22 1.20 -20.58
C ARG D 43 -3.27 2.34 -20.88
N TRP D 44 -2.21 2.43 -20.08
CA TRP D 44 -1.14 3.41 -20.30
C TRP D 44 -1.59 4.87 -20.25
N ASN D 45 -2.69 5.12 -19.53
CA ASN D 45 -3.30 6.46 -19.45
C ASN D 45 -3.58 7.02 -20.84
N GLY D 46 -3.85 6.14 -21.81
CA GLY D 46 -4.14 6.58 -23.19
C GLY D 46 -2.94 7.09 -23.98
N GLN D 47 -1.73 6.92 -23.44
CA GLN D 47 -0.54 7.44 -24.11
C GLN D 47 0.02 6.38 -25.05
N THR D 48 -0.79 6.04 -26.05
CA THR D 48 -0.51 4.92 -26.95
C THR D 48 -0.71 5.30 -28.41
N ARG D 49 0.13 4.73 -29.27
CA ARG D 49 0.03 4.96 -30.70
C ARG D 49 -1.18 4.27 -31.28
N GLY D 50 -1.91 4.98 -32.14
CA GLY D 50 -3.04 4.39 -32.84
C GLY D 50 -4.28 5.24 -32.67
N ASP D 51 -5.18 5.14 -33.62
CA ASP D 51 -6.39 5.93 -33.60
C ASP D 51 -7.33 5.51 -32.49
N HIS D 52 -7.22 4.27 -32.04
CA HIS D 52 -8.04 3.74 -30.95
C HIS D 52 -7.21 3.50 -29.71
N ALA D 53 -7.81 3.75 -28.55
CA ALA D 53 -7.18 3.43 -27.28
C ALA D 53 -6.87 1.94 -27.23
N PHE D 54 -5.80 1.59 -26.52
CA PHE D 54 -5.47 0.19 -26.28
C PHE D 54 -6.15 -0.21 -24.98
N THR D 55 -7.20 -1.03 -25.09
CA THR D 55 -8.09 -1.26 -23.95
C THR D 55 -7.63 -2.39 -23.04
N VAL D 56 -8.16 -2.38 -21.83
CA VAL D 56 -7.88 -3.43 -20.88
C VAL D 56 -8.38 -4.78 -21.41
N ALA D 57 -9.52 -4.79 -22.10
CA ALA D 57 -10.01 -6.03 -22.72
C ALA D 57 -8.98 -6.63 -23.67
N GLN D 58 -8.39 -5.79 -24.51
CA GLN D 58 -7.38 -6.28 -25.44
C GLN D 58 -6.12 -6.76 -24.69
N HIS D 59 -5.74 -6.03 -23.65
CA HIS D 59 -4.64 -6.46 -22.80
C HIS D 59 -4.92 -7.85 -22.22
N CYS D 60 -6.13 -8.07 -21.71
CA CYS D 60 -6.49 -9.36 -21.13
C CYS D 60 -6.37 -10.48 -22.14
N LEU D 61 -6.81 -10.21 -23.37
CA LEU D 61 -6.70 -11.19 -24.44
C LEU D 61 -5.24 -11.56 -24.68
N ILE D 62 -4.37 -10.57 -24.76
CA ILE D 62 -2.95 -10.83 -24.98
C ILE D 62 -2.33 -11.55 -23.78
N VAL D 63 -2.67 -11.14 -22.57
CA VAL D 63 -2.17 -11.82 -21.40
C VAL D 63 -2.57 -13.30 -21.38
N GLU D 64 -3.82 -13.60 -21.69
CA GLU D 64 -4.25 -15.00 -21.66
C GLU D 64 -3.52 -15.82 -22.74
N THR D 65 -3.31 -15.21 -23.90
CA THR D 65 -2.56 -15.87 -24.98
C THR D 65 -1.12 -16.17 -24.53
N ILE D 66 -0.46 -15.15 -23.99
CA ILE D 66 0.92 -15.32 -23.51
C ILE D 66 0.98 -16.35 -22.39
N PHE D 67 0.00 -16.31 -21.49
CA PHE D 67 -0.05 -17.26 -20.39
C PHE D 67 -0.06 -18.69 -20.92
N CYS D 68 -0.90 -18.95 -21.91
CA CYS D 68 -0.99 -20.30 -22.50
C CYS D 68 0.32 -20.74 -23.16
N ARG D 69 1.02 -19.80 -23.79
CA ARG D 69 2.33 -20.09 -24.38
C ARG D 69 3.40 -20.39 -23.32
N MET D 70 3.39 -19.60 -22.24
CA MET D 70 4.38 -19.75 -21.17
C MET D 70 4.09 -20.99 -20.31
N CYS D 71 2.81 -21.38 -20.22
CA CYS D 71 2.37 -22.46 -19.35
C CYS D 71 1.57 -23.50 -20.13
N PRO D 72 2.28 -24.39 -20.86
CA PRO D 72 1.61 -25.32 -21.77
C PRO D 72 0.67 -26.33 -21.10
N GLY D 73 0.83 -26.54 -19.79
CA GLY D 73 -0.04 -27.43 -19.03
C GLY D 73 -1.19 -26.71 -18.34
N ALA D 74 -1.49 -25.49 -18.79
CA ALA D 74 -2.53 -24.70 -18.14
C ALA D 74 -3.87 -25.38 -18.29
N THR D 75 -4.65 -25.40 -17.19
CA THR D 75 -6.02 -25.92 -17.25
C THR D 75 -6.95 -24.80 -17.70
N PRO D 76 -8.14 -25.16 -18.21
CA PRO D 76 -9.15 -24.15 -18.56
C PRO D 76 -9.50 -23.19 -17.40
N ASP D 77 -9.57 -23.68 -16.17
CA ASP D 77 -9.80 -22.81 -15.02
C ASP D 77 -8.72 -21.74 -14.93
N GLU D 78 -7.47 -22.15 -15.13
CA GLU D 78 -6.34 -21.23 -15.07
C GLU D 78 -6.37 -20.22 -16.20
N MET D 79 -6.72 -20.70 -17.40
CA MET D 79 -6.89 -19.79 -18.54
C MET D 79 -7.92 -18.71 -18.22
N GLN D 80 -9.03 -19.09 -17.60
CA GLN D 80 -10.08 -18.12 -17.27
C GLN D 80 -9.58 -17.13 -16.23
N MET D 81 -8.79 -17.61 -15.26
CA MET D 81 -8.25 -16.71 -14.23
C MET D 81 -7.24 -15.73 -14.87
N ALA D 82 -6.51 -16.18 -15.90
CA ALA D 82 -5.64 -15.26 -16.63
C ALA D 82 -6.43 -14.20 -17.39
N LEU D 83 -7.45 -14.61 -18.14
CA LEU D 83 -8.28 -13.64 -18.88
C LEU D 83 -8.96 -12.65 -17.96
N LEU D 84 -9.41 -13.13 -16.80
CA LEU D 84 -10.21 -12.29 -15.88
C LEU D 84 -9.37 -11.57 -14.84
N HIS D 85 -8.04 -11.67 -14.93
CA HIS D 85 -7.24 -11.09 -13.86
C HIS D 85 -7.48 -9.59 -13.69
N ASP D 86 -7.63 -8.87 -14.79
CA ASP D 86 -7.89 -7.41 -14.72
C ASP D 86 -9.39 -7.06 -14.70
N ALA D 87 -10.26 -8.05 -14.53
CA ALA D 87 -11.71 -7.79 -14.52
C ALA D 87 -12.14 -6.72 -13.50
N PRO D 88 -11.54 -6.71 -12.30
CA PRO D 88 -11.93 -5.65 -11.34
C PRO D 88 -11.87 -4.24 -11.88
N GLU D 89 -11.07 -4.01 -12.92
CA GLU D 89 -10.94 -2.67 -13.50
C GLU D 89 -12.27 -2.17 -14.06
N TYR D 90 -13.24 -3.06 -14.27
CA TYR D 90 -14.55 -2.59 -14.74
C TYR D 90 -15.32 -1.79 -13.71
N VAL D 91 -14.88 -1.88 -12.45
CA VAL D 91 -15.45 -1.06 -11.37
C VAL D 91 -14.44 -0.15 -10.68
N ILE D 92 -13.15 -0.48 -10.72
CA ILE D 92 -12.15 0.39 -10.06
C ILE D 92 -11.34 1.24 -11.03
N GLY D 93 -11.43 0.96 -12.33
CA GLY D 93 -10.67 1.69 -13.34
C GLY D 93 -9.26 1.15 -13.50
N ASP D 94 -8.50 1.82 -14.38
CA ASP D 94 -7.11 1.42 -14.63
C ASP D 94 -6.17 2.43 -13.99
N MET D 95 -5.21 1.91 -13.23
CA MET D 95 -4.18 2.74 -12.62
C MET D 95 -2.85 2.13 -12.95
N ILE D 96 -1.91 2.96 -13.42
CA ILE D 96 -0.56 2.47 -13.69
C ILE D 96 0.12 1.98 -12.42
N SER D 97 1.01 0.99 -12.57
CA SER D 97 1.64 0.33 -11.43
C SER D 97 2.31 1.28 -10.45
N PRO D 98 3.09 2.26 -10.97
CA PRO D 98 3.75 3.15 -10.02
C PRO D 98 2.81 3.88 -9.07
N PHE D 99 1.58 4.17 -9.52
CA PHE D 99 0.62 4.85 -8.67
C PHE D 99 -0.14 3.90 -7.76
N LYS D 100 -0.31 2.65 -8.19
CA LYS D 100 -0.85 1.64 -7.27
C LYS D 100 -0.01 1.53 -6.00
N SER D 101 1.29 1.81 -6.13
CA SER D 101 2.22 1.77 -5.00
C SER D 101 1.94 2.86 -3.97
N VAL D 102 1.41 3.98 -4.41
CA VAL D 102 1.20 5.13 -3.52
C VAL D 102 -0.26 5.52 -3.25
N VAL D 103 -1.21 4.92 -3.96
CA VAL D 103 -2.63 5.29 -3.80
C VAL D 103 -3.11 5.13 -2.35
N GLY D 104 -2.67 4.05 -1.69
CA GLY D 104 -3.01 3.84 -0.29
C GLY D 104 -4.49 3.67 -0.05
N GLY D 105 -4.94 4.08 1.13
CA GLY D 105 -6.32 3.91 1.54
C GLY D 105 -6.80 2.48 1.38
N GLY D 106 -8.07 2.33 1.01
CA GLY D 106 -8.66 1.00 0.87
C GLY D 106 -8.58 0.44 -0.53
N TYR D 107 -7.75 1.02 -1.39
CA TYR D 107 -7.77 0.65 -2.82
C TYR D 107 -7.43 -0.82 -3.05
N LYS D 108 -6.32 -1.30 -2.48
CA LYS D 108 -5.89 -2.67 -2.74
C LYS D 108 -6.83 -3.70 -2.09
N THR D 109 -7.42 -3.35 -0.96
CA THR D 109 -8.36 -4.24 -0.29
C THR D 109 -9.63 -4.37 -1.13
N VAL D 110 -10.10 -3.27 -1.70
CA VAL D 110 -11.27 -3.30 -2.59
C VAL D 110 -10.97 -4.14 -3.83
N GLU D 111 -9.81 -3.95 -4.43
CA GLU D 111 -9.39 -4.73 -5.59
C GLU D 111 -9.41 -6.23 -5.28
N LYS D 112 -8.92 -6.61 -4.11
CA LYS D 112 -8.87 -8.02 -3.73
C LYS D 112 -10.28 -8.59 -3.55
N ARG D 113 -11.16 -7.81 -2.95
CA ARG D 113 -12.56 -8.24 -2.77
C ARG D 113 -13.26 -8.37 -4.13
N LEU D 114 -12.94 -7.48 -5.06
CA LEU D 114 -13.54 -7.57 -6.39
C LEU D 114 -13.05 -8.80 -7.12
N GLU D 115 -11.76 -9.11 -6.97
CA GLU D 115 -11.23 -10.34 -7.54
C GLU D 115 -12.02 -11.58 -7.07
N ALA D 116 -12.24 -11.67 -5.76
CA ALA D 116 -13.00 -12.78 -5.21
C ALA D 116 -14.42 -12.82 -5.75
N ALA D 117 -15.06 -11.66 -5.82
CA ALA D 117 -16.44 -11.61 -6.34
C ALA D 117 -16.53 -12.13 -7.78
N VAL D 118 -15.61 -11.65 -8.62
CA VAL D 118 -15.57 -12.10 -10.01
C VAL D 118 -15.30 -13.60 -10.09
N HIS D 119 -14.29 -14.09 -9.37
CA HIS D 119 -13.97 -15.51 -9.40
C HIS D 119 -15.14 -16.36 -8.91
N LEU D 120 -15.71 -15.99 -7.78
CA LEU D 120 -16.83 -16.75 -7.22
C LEU D 120 -18.03 -16.79 -8.16
N ARG D 121 -18.30 -15.68 -8.85
CA ARG D 121 -19.38 -15.66 -9.84
C ARG D 121 -19.23 -16.82 -10.83
N PHE D 122 -18.00 -17.06 -11.26
CA PHE D 122 -17.76 -18.04 -12.31
C PHE D 122 -17.23 -19.37 -11.78
N GLY D 123 -17.40 -19.62 -10.48
CA GLY D 123 -17.07 -20.92 -9.90
C GLY D 123 -15.58 -21.20 -9.87
N LEU D 124 -14.79 -20.13 -9.79
CA LEU D 124 -13.34 -20.24 -9.67
C LEU D 124 -12.92 -20.02 -8.20
N PRO D 125 -11.72 -20.49 -7.83
CA PRO D 125 -11.23 -20.22 -6.47
C PRO D 125 -11.22 -18.71 -6.25
N PRO D 126 -11.64 -18.24 -5.05
CA PRO D 126 -11.71 -16.80 -4.85
C PRO D 126 -10.42 -16.07 -5.21
N HIS D 127 -9.29 -16.68 -4.93
CA HIS D 127 -7.99 -16.13 -5.31
C HIS D 127 -7.13 -17.21 -5.91
N ALA D 128 -6.36 -16.84 -6.95
CA ALA D 128 -5.41 -17.76 -7.55
C ALA D 128 -4.39 -18.13 -6.50
N SER D 129 -3.85 -19.34 -6.61
CA SER D 129 -2.73 -19.70 -5.75
C SER D 129 -1.58 -18.73 -5.96
N ARG D 130 -0.77 -18.57 -4.93
CA ARG D 130 0.45 -17.75 -4.99
C ARG D 130 1.24 -18.04 -6.26
N GLU D 131 1.40 -19.33 -6.57
CA GLU D 131 2.14 -19.76 -7.77
C GLU D 131 1.41 -19.40 -9.06
N LEU D 132 0.10 -19.66 -9.14
CA LEU D 132 -0.66 -19.30 -10.35
C LEU D 132 -0.66 -17.78 -10.54
N LYS D 133 -0.81 -17.06 -9.44
CA LYS D 133 -0.74 -15.60 -9.44
C LYS D 133 0.59 -15.12 -10.05
N ASP D 134 1.67 -15.77 -9.63
CA ASP D 134 2.99 -15.45 -10.18
C ASP D 134 3.10 -15.72 -11.66
N ARG D 135 2.53 -16.83 -12.12
CA ARG D 135 2.56 -17.17 -13.54
C ARG D 135 1.73 -16.17 -14.35
N ILE D 136 0.54 -15.84 -13.86
CA ILE D 136 -0.28 -14.87 -14.56
C ILE D 136 0.41 -13.49 -14.57
N LYS D 137 1.03 -13.11 -13.46
CA LYS D 137 1.76 -11.83 -13.39
C LYS D 137 2.91 -11.80 -14.39
N LYS D 138 3.62 -12.92 -14.52
CA LYS D 138 4.69 -12.99 -15.51
C LYS D 138 4.17 -12.74 -16.93
N ALA D 139 3.04 -13.35 -17.26
CA ALA D 139 2.40 -13.13 -18.55
C ALA D 139 2.00 -11.66 -18.71
N ASP D 140 1.47 -11.07 -17.64
CA ASP D 140 1.08 -9.66 -17.65
C ASP D 140 2.30 -8.76 -17.93
N THR D 141 3.42 -9.07 -17.28
CA THR D 141 4.63 -8.27 -17.40
C THR D 141 5.23 -8.37 -18.81
N VAL D 142 5.19 -9.57 -19.39
CA VAL D 142 5.60 -9.74 -20.78
C VAL D 142 4.69 -8.95 -21.72
N ALA D 143 3.38 -9.03 -21.51
CA ALA D 143 2.45 -8.20 -22.29
C ALA D 143 2.82 -6.71 -22.16
N ALA D 144 3.10 -6.28 -20.93
CA ALA D 144 3.46 -4.89 -20.69
C ALA D 144 4.73 -4.49 -21.46
N PHE D 145 5.72 -5.38 -21.48
CA PHE D 145 6.94 -5.11 -22.24
C PHE D 145 6.63 -4.77 -23.70
N PHE D 146 5.80 -5.58 -24.32
CA PHE D 146 5.47 -5.40 -25.72
C PHE D 146 4.57 -4.18 -25.95
N GLU D 147 3.59 -3.96 -25.09
CA GLU D 147 2.78 -2.74 -25.17
C GLU D 147 3.63 -1.49 -24.96
N ALA D 148 4.54 -1.53 -23.99
CA ALA D 148 5.34 -0.35 -23.68
C ALA D 148 6.17 0.09 -24.89
N THR D 149 6.74 -0.88 -25.58
CA THR D 149 7.65 -0.62 -26.70
C THR D 149 6.92 -0.39 -28.01
N GLU D 150 5.90 -1.20 -28.27
CA GLU D 150 5.17 -1.10 -29.52
C GLU D 150 4.18 0.06 -29.54
N LEU D 151 3.58 0.36 -28.39
CA LEU D 151 2.50 1.35 -28.33
C LEU D 151 2.76 2.59 -27.48
N ALA D 152 3.40 2.43 -26.32
CA ALA D 152 3.39 3.50 -25.31
C ALA D 152 4.66 4.36 -25.28
N GLY D 153 5.51 4.23 -26.30
CA GLY D 153 6.60 5.19 -26.50
C GLY D 153 7.87 4.93 -25.72
N PHE D 154 7.94 3.81 -24.99
CA PHE D 154 9.14 3.46 -24.22
C PHE D 154 10.20 2.80 -25.09
N SER D 155 11.47 3.09 -24.82
CA SER D 155 12.56 2.42 -25.52
C SER D 155 12.67 0.99 -25.03
N THR D 156 13.44 0.19 -25.76
CA THR D 156 13.73 -1.17 -25.35
C THR D 156 14.49 -1.19 -24.02
N ALA D 157 15.34 -0.18 -23.80
CA ALA D 157 16.10 -0.08 -22.56
C ALA D 157 15.18 0.22 -21.39
N GLU D 158 14.22 1.12 -21.60
CA GLU D 158 13.24 1.45 -20.58
C GLU D 158 12.42 0.21 -20.26
N ALA D 159 11.90 -0.43 -21.30
CA ALA D 159 11.02 -1.59 -21.12
C ALA D 159 11.75 -2.74 -20.43
N GLN D 160 13.03 -2.93 -20.77
CA GLN D 160 13.83 -3.96 -20.12
C GLN D 160 14.00 -3.65 -18.65
N LYS D 161 14.26 -2.38 -18.32
CA LYS D 161 14.48 -2.01 -16.92
C LYS D 161 13.21 -2.20 -16.09
N PHE D 162 12.07 -1.81 -16.65
CA PHE D 162 10.82 -1.85 -15.90
C PHE D 162 10.13 -3.20 -15.91
N PHE D 163 10.25 -3.95 -17.00
CA PHE D 163 9.47 -5.19 -17.18
C PHE D 163 10.32 -6.44 -17.43
N GLY D 164 11.62 -6.28 -17.64
CA GLY D 164 12.49 -7.40 -18.01
C GLY D 164 12.33 -7.79 -19.47
N LEU D 165 13.36 -8.42 -20.03
CA LEU D 165 13.30 -8.94 -21.38
C LEU D 165 12.51 -10.25 -21.40
N PRO D 166 11.57 -10.41 -22.32
CA PRO D 166 10.89 -11.70 -22.52
C PRO D 166 11.90 -12.73 -23.02
N ARG D 167 12.08 -13.89 -22.41
CA ARG D 167 11.10 -14.92 -22.02
C ARG D 167 10.73 -15.94 -23.06
N GLY D 168 11.25 -15.84 -24.27
CA GLY D 168 10.84 -16.71 -25.34
C GLY D 168 9.59 -16.28 -26.05
N ILE D 169 8.90 -15.29 -25.53
CA ILE D 169 7.74 -14.74 -26.21
C ILE D 169 8.15 -13.71 -27.24
N THR D 170 7.57 -13.72 -28.41
CA THR D 170 7.87 -12.74 -29.44
C THR D 170 6.59 -12.05 -29.91
N ARG D 171 6.76 -10.87 -30.49
CA ARG D 171 5.64 -10.01 -30.86
C ARG D 171 4.71 -10.61 -31.93
N ASP D 172 5.21 -11.60 -32.67
CA ASP D 172 4.41 -12.28 -33.69
C ASP D 172 3.37 -13.25 -33.11
N MET D 173 3.38 -13.44 -31.78
CA MET D 173 2.49 -14.41 -31.11
C MET D 173 1.11 -13.84 -30.78
N PHE D 174 0.90 -12.56 -31.05
CA PHE D 174 -0.37 -11.90 -30.76
C PHE D 174 -0.51 -10.63 -31.59
N ASP D 175 -1.70 -10.04 -31.57
CA ASP D 175 -1.96 -8.81 -32.30
C ASP D 175 -2.09 -7.65 -31.32
N ILE D 176 -1.24 -6.65 -31.50
CA ILE D 176 -1.13 -5.55 -30.55
C ILE D 176 -1.68 -4.22 -31.07
N ILE D 177 -1.98 -4.12 -32.35
CA ILE D 177 -2.54 -2.88 -32.88
C ILE D 177 -3.88 -2.62 -32.17
N PRO D 178 -4.06 -1.41 -31.62
CA PRO D 178 -5.26 -1.22 -30.78
C PRO D 178 -6.59 -1.37 -31.52
N LEU D 179 -7.46 -2.19 -30.95
CA LEU D 179 -8.79 -2.47 -31.52
C LEU D 179 -9.81 -1.44 -31.05
N PRO D 180 -10.79 -1.12 -31.91
CA PRO D 180 -11.94 -0.33 -31.48
C PRO D 180 -12.69 -1.06 -30.38
N SER D 181 -13.35 -0.30 -29.51
CA SER D 181 -14.05 -0.87 -28.37
C SER D 181 -15.00 -2.01 -28.73
N THR D 182 -15.80 -1.85 -29.78
CA THR D 182 -16.77 -2.89 -30.09
C THR D 182 -16.10 -4.21 -30.47
N GLU D 183 -14.92 -4.13 -31.09
CA GLU D 183 -14.20 -5.35 -31.49
C GLU D 183 -13.45 -5.98 -30.30
N ALA D 184 -12.83 -5.15 -29.45
CA ALA D 184 -12.24 -5.67 -28.21
C ALA D 184 -13.29 -6.39 -27.37
N GLN D 185 -14.47 -5.80 -27.28
CA GLN D 185 -15.60 -6.38 -26.51
C GLN D 185 -15.99 -7.73 -27.10
N ARG D 186 -16.16 -7.76 -28.42
CA ARG D 186 -16.59 -8.99 -29.12
C ARG D 186 -15.58 -10.11 -28.90
N LEU D 187 -14.31 -9.80 -29.09
CA LEU D 187 -13.25 -10.81 -28.98
C LEU D 187 -13.07 -11.29 -27.53
N PHE D 188 -13.21 -10.37 -26.58
CA PHE D 188 -13.11 -10.74 -25.19
C PHE D 188 -14.21 -11.74 -24.79
N ILE D 189 -15.45 -11.41 -25.16
CA ILE D 189 -16.58 -12.29 -24.84
C ILE D 189 -16.39 -13.65 -25.52
N ALA D 190 -15.93 -13.64 -26.76
CA ALA D 190 -15.73 -14.89 -27.49
C ALA D 190 -14.69 -15.76 -26.81
N ARG D 191 -13.59 -15.16 -26.36
CA ARG D 191 -12.57 -15.95 -25.68
C ARG D 191 -13.08 -16.49 -24.34
N PHE D 192 -13.76 -15.64 -23.57
CA PHE D 192 -14.37 -16.08 -22.33
C PHE D 192 -15.29 -17.27 -22.55
N GLU D 193 -16.17 -17.18 -23.56
CA GLU D 193 -17.11 -18.27 -23.87
C GLU D 193 -16.39 -19.55 -24.33
N ALA D 194 -15.30 -19.40 -25.07
CA ALA D 194 -14.52 -20.55 -25.50
C ALA D 194 -13.93 -21.24 -24.28
N ILE D 195 -13.37 -20.45 -23.36
CA ILE D 195 -12.76 -21.05 -22.17
C ILE D 195 -13.85 -21.71 -21.31
N GLU D 196 -15.00 -21.06 -21.17
CA GLU D 196 -16.12 -21.66 -20.43
C GLU D 196 -16.51 -23.02 -20.98
N THR D 197 -16.49 -23.15 -22.31
CA THR D 197 -16.88 -24.41 -22.95
C THR D 197 -15.85 -25.49 -22.60
N LEU D 198 -14.58 -25.11 -22.53
CA LEU D 198 -13.52 -26.07 -22.15
C LEU D 198 -13.60 -26.44 -20.68
N ARG D 199 -14.06 -25.51 -19.85
CA ARG D 199 -14.14 -25.78 -18.41
C ARG D 199 -15.17 -26.82 -18.06
N VAL D 200 -16.37 -26.69 -18.70
CA VAL D 200 -17.49 -27.61 -18.50
C VAL D 200 -17.15 -29.01 -19.01
N THR D 201 -16.83 -29.01 -20.21
CA THR D 201 -16.55 -30.26 -20.90
C THR D 201 -15.50 -31.08 -20.17
N ARG D 202 -14.44 -30.42 -19.71
CA ARG D 202 -13.39 -31.10 -18.94
C ARG D 202 -13.98 -31.71 -17.69
N THR D 203 -14.76 -30.92 -16.94
CA THR D 203 -15.42 -31.40 -15.73
C THR D 203 -16.41 -32.52 -16.02
N GLY D 204 -17.33 -32.28 -16.95
CA GLY D 204 -18.35 -33.25 -17.32
C GLY D 204 -17.81 -34.32 -18.25
#